data_9J3U
#
_entry.id   9J3U
#
_cell.length_a   111.422
_cell.length_b   155.664
_cell.length_c   58.919
_cell.angle_alpha   90.00
_cell.angle_beta   90.00
_cell.angle_gamma   90.00
#
_symmetry.space_group_name_H-M   'P 21 21 2'
#
loop_
_entity.id
_entity.type
_entity.pdbx_description
1 polymer 'Tyrosine phenol-lyase'
2 non-polymer 3,5-DIHYDROXYBENZOATE
3 non-polymer 'POTASSIUM ION'
4 water water
#
_entity_poly.entity_id   1
_entity_poly.type   'polypeptide(L)'
_entity_poly.pdbx_seq_one_letter_code
;MMYPAEPYRIKSVETVSMIPREERIKRMREAGYNTFLLNSKDVYVDLLTDSGTNAMSDKQWAGMMMGDEAYAGSENFFHL
ERTVQELFGFKHIVPTHQGRGAENLLSSLAIKPGQYVAGNMYFTTTRYHQEKNGATFIDIVRDEAHDAGLDVKFKGNIDI
KKLEKLIAEKGAENIAYICLAVTVNLAGGQPVSMANMREVRQLCDKHGIKVFYDATRCVENAYFIKEQEEGFEDVSIKDI
VHEMFSYADGCTMSGK(LLP)DCLVNIGGFLCMNDDDMFSAARELVVVYEGMPSYGGLAGRDMEAMAIGLREAMQFEYIE
HRVKQVRYLGEKLKAAGVPIVEPVGGHAVFLDARRFCPHLTQDEFPAQSLAASIYMETGVRSMERGIISAGRNKETGDHH
RPKLETVRLTIPRRVYTYAHMDLVADGIIKLFKHKEDIKGLKFVYEPKQLRFFTARFDYVHH
;
_entity_poly.pdbx_strand_id   A,B
#
loop_
_chem_comp.id
_chem_comp.type
_chem_comp.name
_chem_comp.formula
34D non-polymer 3,5-DIHYDROXYBENZOATE 'C7 H6 O4'
K non-polymer 'POTASSIUM ION' 'K 1'
#
# COMPACT_ATOMS: atom_id res chain seq x y z
N MET A 1 8.88 -29.60 25.11
CA MET A 1 10.26 -29.18 25.26
C MET A 1 10.33 -27.71 25.60
N MET A 2 11.34 -27.35 26.37
CA MET A 2 11.59 -25.99 26.66
C MET A 2 11.98 -25.25 25.41
N TYR A 3 12.85 -25.83 24.60
CA TYR A 3 13.28 -25.18 23.39
C TYR A 3 13.26 -26.14 22.22
N PRO A 4 12.13 -26.23 21.54
CA PRO A 4 12.00 -27.22 20.47
C PRO A 4 12.79 -26.83 19.21
N ALA A 5 13.13 -27.84 18.40
CA ALA A 5 13.82 -27.60 17.13
C ALA A 5 12.84 -26.95 16.15
N GLU A 6 13.38 -26.32 15.12
CA GLU A 6 12.56 -25.70 14.10
C GLU A 6 11.62 -26.73 13.47
N PRO A 7 10.31 -26.45 13.43
CA PRO A 7 9.33 -27.36 12.81
C PRO A 7 9.22 -27.15 11.30
N TYR A 8 10.37 -27.04 10.67
CA TYR A 8 10.48 -26.85 9.22
C TYR A 8 11.95 -27.05 8.86
N ARG A 9 12.21 -27.13 7.56
CA ARG A 9 13.58 -27.15 7.03
C ARG A 9 13.87 -25.86 6.33
N ILE A 10 15.15 -25.59 6.10
CA ILE A 10 15.54 -24.47 5.27
C ILE A 10 15.38 -24.86 3.80
N LYS A 11 14.57 -24.10 3.07
CA LYS A 11 14.42 -24.30 1.62
C LYS A 11 15.43 -23.48 0.83
N SER A 12 15.58 -22.21 1.20
CA SER A 12 16.60 -21.37 0.59
C SER A 12 17.17 -20.42 1.63
N VAL A 13 18.40 -19.95 1.36
CA VAL A 13 19.10 -19.09 2.29
C VAL A 13 19.31 -17.71 1.71
N GLU A 14 19.42 -16.75 2.61
CA GLU A 14 19.68 -15.37 2.22
C GLU A 14 21.14 -15.05 2.48
N THR A 15 21.81 -14.64 1.41
CA THR A 15 23.24 -14.30 1.47
C THR A 15 23.47 -13.12 2.39
N VAL A 16 24.52 -13.22 3.19
CA VAL A 16 25.01 -12.07 3.95
C VAL A 16 26.51 -11.95 3.74
N SER A 17 27.05 -10.75 3.92
CA SER A 17 28.48 -10.56 3.87
C SER A 17 29.05 -10.71 5.29
N MET A 18 30.01 -11.60 5.45
CA MET A 18 30.54 -11.88 6.78
C MET A 18 31.72 -10.93 7.04
N ILE A 19 31.42 -9.65 7.23
CA ILE A 19 32.47 -8.65 7.33
C ILE A 19 33.09 -8.61 8.73
N PRO A 20 34.41 -8.35 8.79
CA PRO A 20 35.12 -8.35 10.07
C PRO A 20 34.81 -7.12 10.92
N ARG A 21 35.24 -7.19 12.17
CA ARG A 21 35.02 -6.13 13.15
C ARG A 21 35.48 -4.73 12.71
N GLU A 22 36.71 -4.64 12.20
CA GLU A 22 37.24 -3.34 11.78
C GLU A 22 36.34 -2.69 10.74
N GLU A 23 35.80 -3.51 9.85
CA GLU A 23 34.87 -3.01 8.84
C GLU A 23 33.52 -2.64 9.44
N ARG A 24 33.03 -3.43 10.39
CA ARG A 24 31.78 -3.06 11.07
C ARG A 24 31.91 -1.73 11.77
N ILE A 25 33.05 -1.51 12.40
CA ILE A 25 33.27 -0.24 13.08
C ILE A 25 33.25 0.90 12.07
N LYS A 26 33.91 0.72 10.94
CA LYS A 26 33.89 1.70 9.87
C LYS A 26 32.45 1.99 9.40
N ARG A 27 31.67 0.94 9.15
CA ARG A 27 30.30 1.14 8.71
C ARG A 27 29.46 1.83 9.77
N MET A 28 29.66 1.48 11.04
CA MET A 28 28.87 2.08 12.11
C MET A 28 29.16 3.56 12.20
N ARG A 29 30.44 3.93 12.07
CA ARG A 29 30.81 5.33 12.11
C ARG A 29 30.24 6.08 10.90
N GLU A 30 30.29 5.46 9.72
CA GLU A 30 29.68 6.07 8.54
C GLU A 30 28.18 6.28 8.75
N ALA A 31 27.55 5.40 9.53
CA ALA A 31 26.13 5.54 9.87
C ALA A 31 25.87 6.49 11.05
N GLY A 32 26.90 7.23 11.47
CA GLY A 32 26.74 8.15 12.58
C GLY A 32 26.38 7.48 13.91
N TYR A 33 26.81 6.23 14.07
CA TYR A 33 26.48 5.42 15.26
C TYR A 33 24.96 5.32 15.48
N ASN A 34 24.21 5.40 14.39
CA ASN A 34 22.77 5.24 14.40
C ASN A 34 22.41 3.99 13.59
N THR A 35 21.88 2.94 14.24
CA THR A 35 21.68 1.68 13.55
C THR A 35 20.63 1.79 12.43
N PHE A 36 19.72 2.76 12.57
CA PHE A 36 18.72 3.00 11.52
C PHE A 36 19.36 3.43 10.20
N LEU A 37 20.60 3.94 10.26
CA LEU A 37 21.31 4.40 9.07
C LEU A 37 22.23 3.35 8.49
N LEU A 38 22.31 2.18 9.12
CA LEU A 38 23.11 1.12 8.55
C LEU A 38 22.44 0.59 7.29
N ASN A 39 23.25 0.27 6.29
CA ASN A 39 22.78 -0.43 5.10
C ASN A 39 22.50 -1.89 5.46
N SER A 40 21.41 -2.43 4.91
CA SER A 40 21.07 -3.82 5.14
C SER A 40 22.20 -4.77 4.73
N LYS A 41 22.92 -4.44 3.67
CA LYS A 41 23.99 -5.32 3.20
C LYS A 41 25.13 -5.46 4.22
N ASP A 42 25.18 -4.54 5.18
CA ASP A 42 26.22 -4.56 6.19
C ASP A 42 25.77 -5.19 7.51
N VAL A 43 24.55 -5.72 7.53
CA VAL A 43 23.98 -6.33 8.73
C VAL A 43 23.87 -7.85 8.57
N TYR A 44 24.39 -8.57 9.55
CA TYR A 44 24.39 -10.03 9.60
C TYR A 44 23.04 -10.55 10.09
N VAL A 45 22.69 -10.14 11.30
CA VAL A 45 21.43 -10.53 11.94
C VAL A 45 20.63 -9.25 12.21
N ASP A 46 19.53 -9.08 11.52
CA ASP A 46 18.82 -7.81 11.56
C ASP A 46 17.59 -7.91 12.44
N LEU A 47 17.70 -7.39 13.66
CA LEU A 47 16.62 -7.45 14.64
C LEU A 47 15.96 -6.10 14.84
N LEU A 48 16.07 -5.24 13.83
CA LEU A 48 15.41 -3.95 13.84
C LEU A 48 13.88 -4.08 14.05
N THR A 49 13.26 -5.06 13.39
CA THR A 49 11.83 -5.26 13.53
C THR A 49 11.37 -6.65 13.07
N ASP A 50 10.22 -7.08 13.59
CA ASP A 50 9.57 -8.31 13.14
C ASP A 50 8.50 -8.02 12.09
N SER A 51 8.44 -6.78 11.62
CA SER A 51 7.43 -6.39 10.66
C SER A 51 7.90 -6.54 9.22
N GLY A 52 7.29 -7.46 8.48
CA GLY A 52 7.54 -7.62 7.06
C GLY A 52 8.88 -8.25 6.71
N THR A 53 9.55 -8.76 7.74
CA THR A 53 10.89 -9.34 7.59
C THR A 53 10.88 -10.87 7.65
N ASN A 54 9.68 -11.46 7.65
CA ASN A 54 9.52 -12.89 7.84
C ASN A 54 9.97 -13.73 6.65
N ALA A 55 10.36 -14.98 6.90
CA ALA A 55 10.63 -15.91 5.82
C ALA A 55 9.35 -16.63 5.44
N MET A 56 9.03 -16.61 4.16
CA MET A 56 7.89 -17.33 3.64
C MET A 56 8.22 -18.80 3.39
N SER A 57 7.18 -19.61 3.21
CA SER A 57 7.34 -21.04 2.92
C SER A 57 7.41 -21.32 1.42
N ASP A 58 7.77 -22.56 1.09
CA ASP A 58 7.69 -23.03 -0.29
C ASP A 58 6.25 -22.94 -0.79
N LYS A 59 5.29 -23.24 0.06
CA LYS A 59 3.88 -23.14 -0.35
C LYS A 59 3.50 -21.70 -0.68
N GLN A 60 3.98 -20.75 0.11
CA GLN A 60 3.71 -19.34 -0.16
C GLN A 60 4.37 -18.89 -1.47
N TRP A 61 5.60 -19.34 -1.71
CA TRP A 61 6.30 -18.96 -2.92
C TRP A 61 5.65 -19.59 -4.16
N ALA A 62 5.12 -20.80 -4.01
CA ALA A 62 4.33 -21.41 -5.07
C ALA A 62 3.13 -20.51 -5.37
N GLY A 63 2.48 -20.04 -4.31
CA GLY A 63 1.39 -19.08 -4.48
C GLY A 63 1.83 -17.80 -5.16
N MET A 64 3.06 -17.36 -4.90
CA MET A 64 3.59 -16.13 -5.50
C MET A 64 3.75 -16.28 -7.02
N MET A 65 3.89 -17.52 -7.50
CA MET A 65 3.94 -17.78 -8.94
C MET A 65 2.52 -17.81 -9.55
N MET A 66 1.49 -17.88 -8.71
CA MET A 66 0.10 -17.96 -9.17
C MET A 66 -0.66 -16.67 -8.91
N GLY A 67 0.05 -15.55 -8.99
CA GLY A 67 -0.59 -14.27 -8.85
C GLY A 67 -1.58 -14.03 -9.97
N ASP A 68 -2.85 -13.86 -9.59
CA ASP A 68 -3.94 -13.48 -10.49
C ASP A 68 -4.10 -11.97 -10.34
N GLU A 69 -3.50 -11.21 -11.26
CA GLU A 69 -3.34 -9.78 -11.06
C GLU A 69 -4.53 -8.97 -11.60
N ALA A 70 -5.67 -9.63 -11.77
CA ALA A 70 -6.88 -8.94 -12.23
C ALA A 70 -7.34 -7.89 -11.22
N TYR A 71 -7.88 -6.80 -11.75
CA TYR A 71 -8.31 -5.66 -10.96
C TYR A 71 -9.53 -6.02 -10.10
N ALA A 72 -10.32 -6.96 -10.61
CA ALA A 72 -11.50 -7.44 -9.92
C ALA A 72 -11.65 -8.92 -10.15
N GLY A 73 -12.18 -9.63 -9.15
CA GLY A 73 -12.46 -11.05 -9.30
C GLY A 73 -11.24 -11.95 -9.24
N SER A 74 -10.13 -11.46 -8.70
CA SER A 74 -8.92 -12.28 -8.58
C SER A 74 -9.15 -13.51 -7.71
N GLU A 75 -8.69 -14.67 -8.20
CA GLU A 75 -8.69 -15.89 -7.42
C GLU A 75 -8.00 -15.68 -6.07
N ASN A 76 -6.95 -14.85 -6.06
CA ASN A 76 -6.20 -14.59 -4.83
C ASN A 76 -7.05 -13.83 -3.80
N PHE A 77 -7.85 -12.88 -4.28
CA PHE A 77 -8.76 -12.17 -3.39
C PHE A 77 -9.75 -13.14 -2.73
N PHE A 78 -10.34 -14.03 -3.53
CA PHE A 78 -11.32 -14.97 -3.00
C PHE A 78 -10.67 -15.93 -1.98
N HIS A 79 -9.43 -16.33 -2.26
CA HIS A 79 -8.69 -17.17 -1.31
C HIS A 79 -8.49 -16.45 0.03
N LEU A 80 -8.03 -15.22 -0.03
CA LEU A 80 -7.82 -14.42 1.17
C LEU A 80 -9.14 -14.25 1.91
N GLU A 81 -10.18 -13.88 1.16
CA GLU A 81 -11.49 -13.63 1.76
C GLU A 81 -12.02 -14.84 2.54
N ARG A 82 -12.01 -16.01 1.94
CA ARG A 82 -12.58 -17.16 2.64
C ARG A 82 -11.67 -17.69 3.73
N THR A 83 -10.35 -17.53 3.57
CA THR A 83 -9.42 -17.86 4.63
C THR A 83 -9.67 -17.01 5.88
N VAL A 84 -9.81 -15.70 5.72
CA VAL A 84 -10.02 -14.83 6.86
C VAL A 84 -11.41 -15.07 7.46
N GLN A 85 -12.41 -15.25 6.60
CA GLN A 85 -13.75 -15.59 7.09
C GLN A 85 -13.75 -16.88 7.92
N GLU A 86 -13.02 -17.89 7.45
CA GLU A 86 -12.96 -19.15 8.16
C GLU A 86 -12.21 -19.06 9.49
N LEU A 87 -11.04 -18.40 9.47
CA LEU A 87 -10.16 -18.43 10.63
C LEU A 87 -10.47 -17.35 11.67
N PHE A 88 -10.90 -16.16 11.22
CA PHE A 88 -11.21 -15.07 12.14
C PHE A 88 -12.73 -14.97 12.42
N GLY A 89 -13.54 -15.44 11.47
CA GLY A 89 -14.98 -15.50 11.69
C GLY A 89 -15.77 -14.26 11.30
N PHE A 90 -15.08 -13.22 10.84
CA PHE A 90 -15.76 -11.97 10.48
C PHE A 90 -16.50 -12.13 9.17
N LYS A 91 -17.58 -11.36 9.01
CA LYS A 91 -18.44 -11.44 7.84
C LYS A 91 -17.78 -10.84 6.60
N HIS A 92 -17.12 -9.69 6.78
CA HIS A 92 -16.58 -8.92 5.67
C HIS A 92 -15.09 -8.63 5.81
N ILE A 93 -14.39 -8.59 4.69
CA ILE A 93 -12.98 -8.25 4.69
C ILE A 93 -12.65 -7.27 3.56
N VAL A 94 -11.81 -6.30 3.89
CA VAL A 94 -11.26 -5.36 2.92
C VAL A 94 -9.73 -5.43 3.01
N PRO A 95 -9.06 -5.89 1.93
CA PRO A 95 -7.60 -5.90 1.94
C PRO A 95 -7.03 -4.48 1.99
N THR A 96 -5.86 -4.34 2.62
CA THR A 96 -5.13 -3.07 2.63
C THR A 96 -3.65 -3.39 2.44
N HIS A 97 -2.83 -2.41 2.08
CA HIS A 97 -1.44 -2.74 1.75
C HIS A 97 -0.68 -3.14 3.02
N GLN A 98 -1.07 -2.59 4.17
CA GLN A 98 -0.63 -3.12 5.47
C GLN A 98 -1.54 -2.56 6.57
N GLY A 99 -1.14 -2.77 7.83
CA GLY A 99 -1.98 -2.48 8.98
C GLY A 99 -2.47 -1.04 9.05
N ARG A 100 -1.58 -0.09 8.87
CA ARG A 100 -1.95 1.30 9.07
C ARG A 100 -2.92 1.78 7.99
N GLY A 101 -2.95 1.09 6.85
CA GLY A 101 -3.97 1.33 5.86
C GLY A 101 -5.35 0.98 6.40
N ALA A 102 -5.45 -0.17 7.08
CA ALA A 102 -6.71 -0.60 7.69
C ALA A 102 -7.12 0.36 8.81
N GLU A 103 -6.14 0.85 9.54
CA GLU A 103 -6.39 1.79 10.64
C GLU A 103 -6.98 3.10 10.12
N ASN A 104 -6.41 3.59 9.03
CA ASN A 104 -6.93 4.79 8.36
C ASN A 104 -8.41 4.61 8.04
N LEU A 105 -8.76 3.49 7.45
CA LEU A 105 -10.16 3.21 7.10
C LEU A 105 -11.05 3.16 8.33
N LEU A 106 -10.67 2.35 9.30
CA LEU A 106 -11.50 2.17 10.49
C LEU A 106 -11.76 3.48 11.22
N SER A 107 -10.71 4.25 11.46
CA SER A 107 -10.83 5.47 12.23
C SER A 107 -11.61 6.53 11.46
N SER A 108 -11.52 6.50 10.14
CA SER A 108 -12.28 7.41 9.31
C SER A 108 -13.76 7.09 9.32
N LEU A 109 -14.09 5.82 9.53
CA LEU A 109 -15.49 5.37 9.48
C LEU A 109 -16.18 5.36 10.84
N ALA A 110 -15.42 5.14 11.90
CA ALA A 110 -16.02 4.80 13.20
C ALA A 110 -15.88 5.90 14.25
N ILE A 111 -15.31 7.05 13.89
CA ILE A 111 -15.06 8.12 14.84
C ILE A 111 -15.69 9.45 14.42
N LYS A 112 -16.53 9.99 15.30
CA LYS A 112 -17.05 11.35 15.19
C LYS A 112 -16.14 12.28 16.00
N PRO A 113 -15.88 13.49 15.50
CA PRO A 113 -15.04 14.42 16.27
C PRO A 113 -15.57 14.68 17.68
N GLY A 114 -14.69 14.66 18.67
CA GLY A 114 -15.07 14.87 20.06
C GLY A 114 -15.34 13.58 20.83
N GLN A 115 -15.31 12.45 20.15
CA GLN A 115 -15.49 11.16 20.80
C GLN A 115 -14.20 10.64 21.44
N TYR A 116 -14.30 9.55 22.19
CA TYR A 116 -13.14 8.93 22.82
C TYR A 116 -12.88 7.55 22.25
N VAL A 117 -11.61 7.18 22.18
CA VAL A 117 -11.22 5.79 21.92
C VAL A 117 -10.37 5.34 23.08
N ALA A 118 -10.75 4.21 23.67
CA ALA A 118 -10.04 3.67 24.81
C ALA A 118 -9.43 2.34 24.43
N GLY A 119 -8.19 2.11 24.85
CA GLY A 119 -7.52 0.86 24.52
C GLY A 119 -6.45 0.51 25.52
N ASN A 120 -5.94 -0.71 25.39
CA ASN A 120 -4.85 -1.16 26.24
C ASN A 120 -3.51 -0.70 25.67
N MET A 121 -3.08 0.47 26.12
CA MET A 121 -1.93 1.17 25.55
C MET A 121 -2.18 1.43 24.06
N TYR A 122 -1.13 1.76 23.32
CA TYR A 122 -1.31 2.20 21.94
C TYR A 122 -0.09 1.95 21.08
N PHE A 123 -0.27 2.12 19.77
CA PHE A 123 0.82 2.13 18.81
C PHE A 123 0.71 3.43 18.01
N THR A 124 1.85 3.98 17.60
CA THR A 124 1.91 5.31 17.02
C THR A 124 0.93 5.52 15.86
N THR A 125 0.95 4.66 14.85
CA THR A 125 0.12 4.87 13.67
C THR A 125 -1.37 4.77 14.01
N THR A 126 -1.72 3.75 14.80
CA THR A 126 -3.10 3.52 15.22
C THR A 126 -3.66 4.75 15.93
N ARG A 127 -2.90 5.26 16.89
CA ARG A 127 -3.34 6.42 17.67
C ARG A 127 -3.42 7.67 16.80
N TYR A 128 -2.46 7.82 15.90
CA TYR A 128 -2.46 8.97 15.00
C TYR A 128 -3.80 9.09 14.27
N HIS A 129 -4.21 7.98 13.64
CA HIS A 129 -5.44 7.98 12.86
C HIS A 129 -6.67 8.18 13.73
N GLN A 130 -6.62 7.70 14.96
CA GLN A 130 -7.73 7.93 15.89
C GLN A 130 -7.84 9.42 16.20
N GLU A 131 -6.71 10.05 16.51
CA GLU A 131 -6.70 11.46 16.88
C GLU A 131 -6.96 12.36 15.67
N LYS A 132 -6.45 11.96 14.50
CA LYS A 132 -6.65 12.71 13.27
C LYS A 132 -8.13 12.86 12.95
N ASN A 133 -8.91 11.85 13.34
CA ASN A 133 -10.35 11.85 13.08
C ASN A 133 -11.15 12.43 14.24
N GLY A 134 -10.44 12.99 15.22
CA GLY A 134 -11.06 13.80 16.25
C GLY A 134 -11.32 13.05 17.54
N ALA A 135 -10.66 11.92 17.75
CA ALA A 135 -10.81 11.19 19.00
C ALA A 135 -9.76 11.59 20.00
N THR A 136 -10.10 11.44 21.28
CA THR A 136 -9.14 11.55 22.36
C THR A 136 -8.85 10.14 22.84
N PHE A 137 -7.57 9.77 22.89
CA PHE A 137 -7.21 8.44 23.33
C PHE A 137 -7.14 8.33 24.84
N ILE A 138 -7.76 7.29 25.38
CA ILE A 138 -7.73 6.99 26.81
C ILE A 138 -7.12 5.61 27.08
N ASP A 139 -6.05 5.60 27.87
CA ASP A 139 -5.40 4.35 28.24
C ASP A 139 -6.18 3.67 29.35
N ILE A 140 -6.62 2.43 29.12
CA ILE A 140 -7.35 1.67 30.11
C ILE A 140 -6.70 0.31 30.39
N VAL A 141 -5.43 0.17 30.05
CA VAL A 141 -4.69 -1.04 30.39
C VAL A 141 -4.54 -1.12 31.90
N ARG A 142 -4.37 -2.34 32.42
CA ARG A 142 -4.10 -2.55 33.84
C ARG A 142 -2.83 -1.82 34.26
N ASP A 143 -2.81 -1.33 35.49
CA ASP A 143 -1.66 -0.58 36.00
C ASP A 143 -0.36 -1.38 35.88
N GLU A 144 -0.45 -2.70 36.07
CA GLU A 144 0.71 -3.58 36.05
C GLU A 144 1.50 -3.47 34.75
N ALA A 145 0.82 -3.11 33.67
CA ALA A 145 1.44 -3.03 32.35
C ALA A 145 2.51 -1.95 32.30
N HIS A 146 2.41 -0.97 33.19
CA HIS A 146 3.36 0.13 33.24
C HIS A 146 4.52 -0.13 34.21
N ASP A 147 4.55 -1.34 34.78
CA ASP A 147 5.66 -1.76 35.64
C ASP A 147 6.54 -2.73 34.86
N ALA A 148 7.59 -2.21 34.25
CA ALA A 148 8.36 -2.97 33.26
C ALA A 148 9.12 -4.13 33.89
N GLY A 149 9.26 -4.14 35.21
CA GLY A 149 9.99 -5.19 35.89
C GLY A 149 9.10 -6.30 36.43
N LEU A 150 7.80 -6.04 36.47
CA LEU A 150 6.87 -6.97 37.10
C LEU A 150 6.54 -8.16 36.18
N ASP A 151 6.86 -9.36 36.66
CA ASP A 151 6.58 -10.59 35.91
C ASP A 151 5.21 -11.17 36.30
N VAL A 152 4.18 -10.79 35.57
CA VAL A 152 2.85 -11.33 35.76
C VAL A 152 2.21 -11.72 34.42
N LYS A 153 1.29 -12.67 34.49
CA LYS A 153 0.57 -13.15 33.30
C LYS A 153 -0.37 -12.11 32.71
N PHE A 154 -0.53 -12.17 31.39
CA PHE A 154 -1.50 -11.37 30.66
C PHE A 154 -1.47 -9.90 31.07
N LYS A 155 -0.25 -9.36 31.03
CA LYS A 155 0.02 -7.97 31.36
C LYS A 155 -0.71 -7.01 30.44
N GLY A 156 -1.20 -7.50 29.30
CA GLY A 156 -1.85 -6.65 28.33
C GLY A 156 -3.32 -6.39 28.59
N ASN A 157 -3.88 -7.06 29.59
CA ASN A 157 -5.32 -6.97 29.87
C ASN A 157 -5.79 -5.55 30.13
N ILE A 158 -7.01 -5.28 29.67
CA ILE A 158 -7.74 -4.07 30.01
C ILE A 158 -8.23 -4.14 31.45
N ASP A 159 -8.13 -3.03 32.16
CA ASP A 159 -8.68 -2.91 33.52
C ASP A 159 -10.15 -2.56 33.41
N ILE A 160 -11.01 -3.52 33.75
CA ILE A 160 -12.44 -3.34 33.56
C ILE A 160 -12.96 -2.15 34.35
N LYS A 161 -12.36 -1.88 35.50
CA LYS A 161 -12.79 -0.77 36.34
C LYS A 161 -12.54 0.56 35.64
N LYS A 162 -11.39 0.66 34.98
CA LYS A 162 -11.05 1.86 34.23
C LYS A 162 -12.07 2.05 33.10
N LEU A 163 -12.48 0.96 32.46
CA LEU A 163 -13.47 1.05 31.40
C LEU A 163 -14.84 1.45 31.96
N GLU A 164 -15.22 0.85 33.09
CA GLU A 164 -16.46 1.20 33.75
C GLU A 164 -16.47 2.68 34.11
N LYS A 165 -15.35 3.17 34.62
CA LYS A 165 -15.23 4.57 34.99
C LYS A 165 -15.37 5.49 33.78
N LEU A 166 -14.73 5.12 32.68
CA LEU A 166 -14.78 5.92 31.46
C LEU A 166 -16.21 6.03 30.95
N ILE A 167 -16.92 4.92 30.95
CA ILE A 167 -18.30 4.90 30.46
C ILE A 167 -19.19 5.80 31.33
N ALA A 168 -18.98 5.75 32.64
CA ALA A 168 -19.78 6.54 33.56
C ALA A 168 -19.52 8.03 33.41
N GLU A 169 -18.25 8.40 33.27
CA GLU A 169 -17.89 9.82 33.21
C GLU A 169 -18.15 10.47 31.85
N LYS A 170 -17.87 9.75 30.77
CA LYS A 170 -17.99 10.30 29.42
C LYS A 170 -19.31 9.97 28.76
N GLY A 171 -19.90 8.83 29.14
CA GLY A 171 -21.13 8.38 28.55
C GLY A 171 -20.85 7.50 27.34
N ALA A 172 -21.61 6.40 27.22
CA ALA A 172 -21.37 5.41 26.19
C ALA A 172 -21.42 5.99 24.77
N GLU A 173 -22.28 6.98 24.57
CA GLU A 173 -22.48 7.56 23.25
C GLU A 173 -21.27 8.32 22.75
N ASN A 174 -20.41 8.73 23.67
CA ASN A 174 -19.25 9.54 23.32
C ASN A 174 -17.97 8.70 23.18
N ILE A 175 -18.11 7.39 23.29
CA ILE A 175 -17.02 6.46 23.06
C ILE A 175 -17.17 5.84 21.67
N ALA A 176 -16.24 6.16 20.77
CA ALA A 176 -16.32 5.67 19.40
C ALA A 176 -16.18 4.14 19.37
N TYR A 177 -15.10 3.65 19.97
CA TYR A 177 -14.93 2.22 20.17
C TYR A 177 -13.83 1.93 21.19
N ILE A 178 -13.79 0.68 21.61
CA ILE A 178 -12.65 0.15 22.35
C ILE A 178 -11.68 -0.48 21.36
N CYS A 179 -10.41 -0.08 21.46
CA CYS A 179 -9.36 -0.63 20.62
C CYS A 179 -8.52 -1.61 21.44
N LEU A 180 -8.81 -2.90 21.28
CA LEU A 180 -8.13 -3.94 22.03
C LEU A 180 -7.00 -4.51 21.20
N ALA A 181 -5.77 -4.26 21.63
CA ALA A 181 -4.59 -4.75 20.93
C ALA A 181 -4.16 -6.12 21.44
N VAL A 182 -3.81 -7.02 20.51
CA VAL A 182 -3.18 -8.29 20.84
C VAL A 182 -1.98 -8.54 19.91
N THR A 183 -0.78 -8.75 20.44
CA THR A 183 -0.39 -8.48 21.82
C THR A 183 -0.21 -6.98 22.05
N VAL A 184 0.25 -6.60 23.24
CA VAL A 184 0.45 -5.18 23.57
C VAL A 184 1.93 -4.80 23.44
N ASN A 185 2.19 -3.95 22.45
CA ASN A 185 3.54 -3.61 22.05
C ASN A 185 4.31 -2.79 23.09
N LEU A 186 3.68 -1.74 23.59
CA LEU A 186 4.35 -0.80 24.50
C LEU A 186 4.74 -1.43 25.84
N ALA A 187 4.13 -2.58 26.16
CA ALA A 187 4.46 -3.29 27.40
C ALA A 187 5.49 -4.40 27.16
N GLY A 188 5.97 -4.49 25.92
CA GLY A 188 7.00 -5.46 25.57
C GLY A 188 6.46 -6.67 24.83
N GLY A 189 5.23 -6.58 24.34
CA GLY A 189 4.63 -7.66 23.57
C GLY A 189 3.84 -8.61 24.46
N GLN A 190 2.97 -8.03 25.30
CA GLN A 190 2.30 -8.78 26.35
C GLN A 190 0.92 -9.22 25.92
N PRO A 191 0.53 -10.46 26.28
CA PRO A 191 -0.75 -10.98 25.81
C PRO A 191 -1.97 -10.52 26.63
N VAL A 192 -3.13 -10.77 26.04
CA VAL A 192 -4.44 -10.52 26.63
C VAL A 192 -5.15 -11.87 26.76
N SER A 193 -5.77 -12.12 27.91
CA SER A 193 -6.48 -13.39 28.14
C SER A 193 -7.84 -13.44 27.47
N MET A 194 -8.33 -14.64 27.20
CA MET A 194 -9.69 -14.80 26.69
C MET A 194 -10.71 -14.23 27.69
N ALA A 195 -10.44 -14.46 28.98
CA ALA A 195 -11.33 -13.98 30.03
C ALA A 195 -11.49 -12.47 29.94
N ASN A 196 -10.38 -11.78 29.69
CA ASN A 196 -10.42 -10.33 29.56
C ASN A 196 -11.23 -9.90 28.34
N MET A 197 -11.05 -10.60 27.21
CA MET A 197 -11.81 -10.24 26.02
C MET A 197 -13.30 -10.39 26.26
N ARG A 198 -13.67 -11.41 27.03
CA ARG A 198 -15.07 -11.67 27.35
C ARG A 198 -15.69 -10.59 28.21
N GLU A 199 -14.98 -10.22 29.27
CA GLU A 199 -15.47 -9.20 30.19
C GLU A 199 -15.66 -7.87 29.48
N VAL A 200 -14.70 -7.51 28.63
CA VAL A 200 -14.80 -6.29 27.85
C VAL A 200 -16.03 -6.34 26.94
N ARG A 201 -16.23 -7.46 26.26
CA ARG A 201 -17.37 -7.62 25.36
C ARG A 201 -18.68 -7.49 26.14
N GLN A 202 -18.71 -8.11 27.31
CA GLN A 202 -19.92 -8.13 28.12
C GLN A 202 -20.32 -6.72 28.54
N LEU A 203 -19.34 -5.96 29.01
CA LEU A 203 -19.57 -4.59 29.45
C LEU A 203 -19.95 -3.69 28.29
N CYS A 204 -19.22 -3.83 27.19
CA CYS A 204 -19.48 -2.99 26.04
C CYS A 204 -20.85 -3.29 25.43
N ASP A 205 -21.24 -4.55 25.41
CA ASP A 205 -22.57 -4.94 24.92
C ASP A 205 -23.68 -4.29 25.74
N LYS A 206 -23.49 -4.25 27.06
CA LYS A 206 -24.47 -3.61 27.94
C LYS A 206 -24.73 -2.15 27.53
N HIS A 207 -23.70 -1.48 27.01
CA HIS A 207 -23.79 -0.06 26.69
C HIS A 207 -23.80 0.23 25.18
N GLY A 208 -23.84 -0.83 24.38
CA GLY A 208 -23.88 -0.69 22.92
C GLY A 208 -22.60 -0.16 22.32
N ILE A 209 -21.47 -0.46 22.98
CA ILE A 209 -20.17 0.05 22.53
C ILE A 209 -19.47 -0.96 21.64
N LYS A 210 -18.91 -0.47 20.53
CA LYS A 210 -18.18 -1.32 19.60
C LYS A 210 -16.77 -1.62 20.08
N VAL A 211 -16.32 -2.84 19.78
CA VAL A 211 -14.94 -3.27 20.06
C VAL A 211 -14.26 -3.69 18.76
N PHE A 212 -13.15 -3.03 18.44
CA PHE A 212 -12.31 -3.44 17.32
C PHE A 212 -10.92 -3.83 17.79
N TYR A 213 -10.43 -4.97 17.31
CA TYR A 213 -9.11 -5.45 17.68
C TYR A 213 -8.01 -4.89 16.79
N ASP A 214 -6.92 -4.47 17.39
CA ASP A 214 -5.66 -4.26 16.69
C ASP A 214 -4.89 -5.57 16.82
N ALA A 215 -5.06 -6.44 15.82
CA ALA A 215 -4.75 -7.86 15.99
C ALA A 215 -3.44 -8.33 15.36
N THR A 216 -2.45 -7.45 15.25
CA THR A 216 -1.25 -7.76 14.46
C THR A 216 -0.49 -8.98 14.94
N ARG A 217 -0.52 -9.27 16.24
CA ARG A 217 0.16 -10.45 16.76
C ARG A 217 -0.82 -11.35 17.52
N CYS A 218 -1.97 -11.57 16.91
CA CYS A 218 -3.05 -12.35 17.51
C CYS A 218 -2.70 -13.82 17.64
N VAL A 219 -1.84 -14.34 16.77
CA VAL A 219 -1.47 -15.74 16.87
C VAL A 219 -0.48 -15.95 18.01
N GLU A 220 0.48 -15.04 18.16
CA GLU A 220 1.35 -15.06 19.33
C GLU A 220 0.48 -15.01 20.57
N ASN A 221 -0.52 -14.14 20.56
CA ASN A 221 -1.44 -14.03 21.69
C ASN A 221 -2.15 -15.36 21.96
N ALA A 222 -2.60 -16.02 20.91
CA ALA A 222 -3.33 -17.28 21.04
C ALA A 222 -2.44 -18.34 21.69
N TYR A 223 -1.16 -18.34 21.33
CA TYR A 223 -0.22 -19.24 21.95
C TYR A 223 -0.11 -19.00 23.46
N PHE A 224 -0.01 -17.74 23.89
CA PHE A 224 0.07 -17.46 25.33
C PHE A 224 -1.19 -17.93 26.07
N ILE A 225 -2.35 -17.79 25.42
CA ILE A 225 -3.60 -18.30 25.99
C ILE A 225 -3.51 -19.83 26.13
N LYS A 226 -3.08 -20.51 25.07
CA LYS A 226 -3.01 -21.97 25.11
C LYS A 226 -2.03 -22.42 26.19
N GLU A 227 -0.93 -21.68 26.33
CA GLU A 227 0.13 -22.07 27.24
C GLU A 227 -0.19 -21.72 28.70
N GLN A 228 -0.86 -20.60 28.92
CA GLN A 228 -0.92 -20.02 30.28
C GLN A 228 -2.30 -19.70 30.86
N GLU A 229 -3.35 -19.69 30.04
CA GLU A 229 -4.69 -19.41 30.58
C GLU A 229 -5.38 -20.72 30.95
N GLU A 230 -5.86 -20.79 32.19
CA GLU A 230 -6.39 -22.05 32.70
C GLU A 230 -7.54 -22.54 31.84
N GLY A 231 -7.48 -23.81 31.44
CA GLY A 231 -8.56 -24.41 30.67
C GLY A 231 -8.31 -24.53 29.18
N PHE A 232 -7.31 -23.82 28.65
CA PHE A 232 -7.08 -23.79 27.20
C PHE A 232 -5.95 -24.69 26.71
N GLU A 233 -5.39 -25.48 27.62
CA GLU A 233 -4.23 -26.32 27.35
C GLU A 233 -4.45 -27.23 26.14
N ASP A 234 -5.67 -27.72 25.99
CA ASP A 234 -5.97 -28.71 24.95
C ASP A 234 -6.88 -28.12 23.84
N VAL A 235 -6.94 -26.79 23.75
CA VAL A 235 -7.69 -26.12 22.69
C VAL A 235 -6.70 -25.72 21.61
N SER A 236 -7.05 -25.95 20.35
CA SER A 236 -6.13 -25.67 19.26
C SER A 236 -5.93 -24.17 19.09
N ILE A 237 -4.77 -23.80 18.55
CA ILE A 237 -4.49 -22.41 18.24
C ILE A 237 -5.59 -21.84 17.35
N LYS A 238 -5.97 -22.60 16.33
CA LYS A 238 -7.03 -22.20 15.41
C LYS A 238 -8.32 -21.87 16.16
N ASP A 239 -8.71 -22.72 17.10
CA ASP A 239 -9.97 -22.51 17.82
C ASP A 239 -9.85 -21.34 18.79
N ILE A 240 -8.67 -21.16 19.38
CA ILE A 240 -8.44 -20.01 20.26
C ILE A 240 -8.55 -18.72 19.46
N VAL A 241 -7.89 -18.65 18.31
CA VAL A 241 -7.97 -17.48 17.45
C VAL A 241 -9.42 -17.15 17.08
N HIS A 242 -10.17 -18.15 16.64
CA HIS A 242 -11.56 -17.93 16.23
C HIS A 242 -12.38 -17.39 17.41
N GLU A 243 -12.18 -17.94 18.61
CA GLU A 243 -12.96 -17.45 19.74
C GLU A 243 -12.54 -16.03 20.16
N MET A 244 -11.26 -15.73 20.10
CA MET A 244 -10.79 -14.37 20.37
C MET A 244 -11.60 -13.34 19.58
N PHE A 245 -11.71 -13.56 18.28
CA PHE A 245 -12.35 -12.56 17.42
C PHE A 245 -13.87 -12.61 17.52
N SER A 246 -14.42 -13.68 18.10
CA SER A 246 -15.86 -13.74 18.34
C SER A 246 -16.33 -12.64 19.32
N TYR A 247 -15.38 -12.05 20.06
CA TYR A 247 -15.71 -10.98 21.01
C TYR A 247 -15.45 -9.59 20.43
N ALA A 248 -15.24 -9.52 19.13
CA ALA A 248 -14.95 -8.26 18.46
C ALA A 248 -15.96 -7.96 17.36
N ASP A 249 -16.10 -6.68 17.03
CA ASP A 249 -16.98 -6.25 15.94
C ASP A 249 -16.21 -6.15 14.64
N GLY A 250 -14.89 -6.28 14.73
CA GLY A 250 -14.00 -6.14 13.58
C GLY A 250 -12.56 -6.09 14.02
N CYS A 251 -11.65 -5.87 13.08
CA CYS A 251 -10.25 -5.79 13.42
C CYS A 251 -9.45 -5.11 12.33
N THR A 252 -8.29 -4.60 12.71
CA THR A 252 -7.28 -4.16 11.76
C THR A 252 -6.14 -5.14 11.92
N MET A 253 -5.66 -5.68 10.80
CA MET A 253 -4.62 -6.70 10.82
C MET A 253 -3.43 -6.29 9.97
N SER A 254 -2.23 -6.54 10.50
CA SER A 254 -1.02 -6.44 9.72
C SER A 254 -0.52 -7.85 9.41
N GLY A 255 -0.59 -8.22 8.14
CA GLY A 255 -0.12 -9.52 7.70
C GLY A 255 1.39 -9.60 7.88
N LYS A 256 2.03 -8.44 7.84
CA LYS A 256 3.49 -8.32 8.00
C LYS A 256 3.99 -8.86 9.31
N1 LLP A 257 -0.52 -1.82 15.65
C2 LLP A 257 0.33 -2.69 16.19
C2' LLP A 257 0.11 -3.19 17.65
C3 LLP A 257 1.44 -3.16 15.44
O3 LLP A 257 2.33 -4.07 16.03
C4 LLP A 257 1.64 -2.73 14.14
C4' LLP A 257 2.91 -3.26 13.30
C5 LLP A 257 0.76 -1.84 13.59
C6 LLP A 257 -0.32 -1.37 14.34
C5' LLP A 257 0.91 -1.27 12.15
OP4 LLP A 257 0.79 -2.28 11.17
P LLP A 257 1.62 -2.08 9.87
OP1 LLP A 257 1.37 -3.28 8.96
OP2 LLP A 257 3.05 -1.95 10.21
OP3 LLP A 257 1.17 -0.81 9.21
N LLP A 257 3.09 -9.02 10.27
CA LLP A 257 3.45 -9.62 11.57
CB LLP A 257 2.80 -8.85 12.71
CG LLP A 257 3.66 -7.65 13.14
CD LLP A 257 3.54 -6.47 12.17
CE LLP A 257 4.20 -5.19 12.76
NZ LLP A 257 3.31 -4.57 13.74
C LLP A 257 3.04 -11.06 11.50
O LLP A 257 3.74 -11.84 10.88
H2'1 LLP A 257 -0.14 -4.13 17.64
H2'2 LLP A 257 -0.61 -2.67 18.07
H2'3 LLP A 257 0.92 -3.08 18.15
HO3 LLP A 257 3.03 -3.67 16.27
H4'1 LLP A 257 3.66 -2.65 13.41
H6 LLP A 257 -0.90 -0.77 13.96
H5'1 LLP A 257 1.79 -0.85 12.06
H5'2 LLP A 257 0.23 -0.60 11.99
HA LLP A 257 4.40 -9.59 11.69
HB2 LLP A 257 2.68 -9.45 13.47
HB3 LLP A 257 1.93 -8.52 12.42
HG2 LLP A 257 4.59 -7.92 13.20
HG3 LLP A 257 3.36 -7.36 14.02
HD2 LLP A 257 2.61 -6.28 12.00
HD3 LLP A 257 3.98 -6.69 11.34
HE2 LLP A 257 4.40 -4.57 12.06
HE3 LLP A 257 5.02 -5.45 13.22
N ASP A 258 1.89 -11.42 12.07
CA ASP A 258 1.62 -12.85 12.29
C ASP A 258 1.09 -13.62 11.07
N CYS A 259 0.88 -12.99 9.90
CA CYS A 259 0.52 -13.76 8.70
C CYS A 259 1.73 -14.17 7.87
N LEU A 260 2.93 -14.00 8.41
CA LEU A 260 4.14 -14.56 7.81
C LEU A 260 4.40 -14.06 6.39
N VAL A 261 4.17 -12.77 6.16
CA VAL A 261 4.42 -12.16 4.86
C VAL A 261 5.27 -10.89 4.99
N ASN A 262 5.69 -10.37 3.85
CA ASN A 262 6.59 -9.21 3.81
C ASN A 262 5.83 -7.91 3.56
N ILE A 263 4.55 -8.04 3.25
CA ILE A 263 3.67 -6.89 2.98
C ILE A 263 2.24 -7.42 3.02
N GLY A 264 1.28 -6.56 3.35
CA GLY A 264 -0.12 -6.96 3.39
C GLY A 264 -0.80 -6.68 4.72
N GLY A 265 -2.10 -6.40 4.63
CA GLY A 265 -2.94 -6.25 5.80
C GLY A 265 -4.39 -6.32 5.37
N PHE A 266 -5.29 -6.16 6.33
CA PHE A 266 -6.70 -6.08 6.00
C PHE A 266 -7.54 -5.53 7.15
N LEU A 267 -8.72 -5.04 6.77
CA LEU A 267 -9.76 -4.61 7.69
C LEU A 267 -10.90 -5.62 7.68
N CYS A 268 -11.30 -6.10 8.86
CA CYS A 268 -12.50 -6.94 8.97
C CYS A 268 -13.59 -6.26 9.76
N MET A 269 -14.83 -6.56 9.42
CA MET A 269 -15.97 -6.11 10.20
C MET A 269 -17.17 -6.99 9.94
N ASN A 270 -18.11 -6.99 10.89
CA ASN A 270 -19.35 -7.75 10.74
C ASN A 270 -20.50 -6.89 10.18
N ASP A 271 -20.45 -5.59 10.43
CA ASP A 271 -21.56 -4.70 10.06
C ASP A 271 -21.62 -4.39 8.56
N ASP A 272 -22.77 -4.68 7.94
CA ASP A 272 -22.96 -4.48 6.51
C ASP A 272 -22.77 -3.02 6.09
N ASP A 273 -23.37 -2.10 6.84
CA ASP A 273 -23.32 -0.69 6.47
C ASP A 273 -21.90 -0.15 6.56
N MET A 274 -21.16 -0.56 7.59
CA MET A 274 -19.77 -0.14 7.71
C MET A 274 -18.95 -0.69 6.53
N PHE A 275 -19.21 -1.94 6.17
CA PHE A 275 -18.52 -2.58 5.06
C PHE A 275 -18.77 -1.82 3.76
N SER A 276 -20.02 -1.48 3.49
CA SER A 276 -20.35 -0.71 2.29
C SER A 276 -19.63 0.63 2.28
N ALA A 277 -19.56 1.28 3.44
CA ALA A 277 -18.88 2.56 3.55
C ALA A 277 -17.37 2.36 3.37
N ALA A 278 -16.84 1.26 3.90
CA ALA A 278 -15.42 0.96 3.78
C ALA A 278 -15.05 0.72 2.32
N ARG A 279 -15.93 0.04 1.60
CA ARG A 279 -15.66 -0.30 0.20
C ARG A 279 -15.55 0.96 -0.63
N GLU A 280 -16.35 1.96 -0.29
CA GLU A 280 -16.31 3.24 -0.98
C GLU A 280 -15.03 3.99 -0.66
N LEU A 281 -14.66 3.98 0.61
CA LEU A 281 -13.53 4.75 1.08
C LEU A 281 -12.17 4.16 0.69
N VAL A 282 -12.07 2.83 0.64
CA VAL A 282 -10.78 2.20 0.37
C VAL A 282 -10.27 2.56 -1.03
N VAL A 283 -11.20 2.85 -1.94
CA VAL A 283 -10.84 3.13 -3.34
C VAL A 283 -9.84 4.26 -3.44
N VAL A 284 -9.88 5.34 -2.68
CA VAL A 284 -9.09 6.55 -2.85
C VAL A 284 -7.81 6.56 -1.99
N TYR A 285 -7.79 5.60 -1.04
CA TYR A 285 -6.53 5.51 -0.29
C TYR A 285 -5.66 4.30 -0.66
N GLU A 286 -6.29 3.15 -0.88
CA GLU A 286 -5.56 1.89 -1.08
C GLU A 286 -5.72 1.35 -2.49
N GLY A 287 -6.97 1.27 -2.95
CA GLY A 287 -7.30 0.69 -4.24
C GLY A 287 -8.71 0.10 -4.18
N MET A 288 -9.17 -0.44 -5.31
CA MET A 288 -10.47 -1.12 -5.37
C MET A 288 -10.58 -2.19 -4.27
N PRO A 289 -11.79 -2.41 -3.73
CA PRO A 289 -11.92 -3.38 -2.62
C PRO A 289 -11.52 -4.82 -2.98
N SER A 290 -11.32 -5.07 -4.27
CA SER A 290 -10.93 -6.39 -4.76
C SER A 290 -9.41 -6.64 -4.73
N TYR A 291 -8.61 -5.68 -4.31
CA TYR A 291 -7.18 -5.92 -4.13
C TYR A 291 -6.56 -5.03 -3.05
N GLY A 292 -7.16 -3.86 -2.80
CA GLY A 292 -6.80 -3.03 -1.67
C GLY A 292 -5.33 -2.63 -1.54
N GLY A 293 -4.69 -2.32 -2.65
CA GLY A 293 -3.31 -1.85 -2.62
C GLY A 293 -2.30 -2.98 -2.54
N LEU A 294 -2.74 -4.20 -2.85
CA LEU A 294 -1.87 -5.39 -2.92
C LEU A 294 -1.90 -6.02 -4.30
N ALA A 295 -0.75 -6.51 -4.73
CA ALA A 295 -0.70 -7.43 -5.86
C ALA A 295 -1.46 -8.71 -5.49
N GLY A 296 -2.02 -9.36 -6.51
CA GLY A 296 -2.72 -10.61 -6.31
C GLY A 296 -1.85 -11.64 -5.62
N ARG A 297 -0.59 -11.70 -6.03
CA ARG A 297 0.33 -12.66 -5.43
C ARG A 297 0.50 -12.44 -3.93
N ASP A 298 0.36 -11.21 -3.47
CA ASP A 298 0.51 -10.95 -2.03
C ASP A 298 -0.75 -11.26 -1.23
N MET A 299 -1.93 -11.05 -1.82
CA MET A 299 -3.15 -11.56 -1.22
C MET A 299 -3.05 -13.07 -1.06
N GLU A 300 -2.49 -13.73 -2.05
CA GLU A 300 -2.31 -15.19 -2.02
C GLU A 300 -1.33 -15.61 -0.93
N ALA A 301 -0.18 -14.94 -0.85
CA ALA A 301 0.83 -15.30 0.14
C ALA A 301 0.32 -15.08 1.56
N MET A 302 -0.48 -14.04 1.74
CA MET A 302 -1.02 -13.71 3.06
C MET A 302 -2.09 -14.75 3.45
N ALA A 303 -2.92 -15.15 2.50
CA ALA A 303 -3.92 -16.19 2.77
C ALA A 303 -3.25 -17.47 3.23
N ILE A 304 -2.19 -17.86 2.53
CA ILE A 304 -1.47 -19.09 2.84
C ILE A 304 -0.77 -18.95 4.19
N GLY A 305 -0.14 -17.79 4.41
CA GLY A 305 0.63 -17.55 5.62
C GLY A 305 -0.20 -17.59 6.88
N LEU A 306 -1.39 -17.00 6.82
CA LEU A 306 -2.30 -16.98 7.98
C LEU A 306 -2.66 -18.40 8.38
N ARG A 307 -2.94 -19.23 7.38
CA ARG A 307 -3.24 -20.62 7.66
C ARG A 307 -2.02 -21.36 8.23
N GLU A 308 -0.83 -21.07 7.73
CA GLU A 308 0.40 -21.67 8.27
C GLU A 308 0.63 -21.28 9.74
N ALA A 309 0.29 -20.05 10.07
CA ALA A 309 0.49 -19.52 11.42
C ALA A 309 -0.32 -20.28 12.47
N MET A 310 -1.39 -20.96 12.05
CA MET A 310 -2.22 -21.73 12.98
C MET A 310 -1.56 -23.02 13.44
N GLN A 311 -0.47 -23.44 12.81
CA GLN A 311 0.18 -24.70 13.19
C GLN A 311 0.79 -24.53 14.58
N PHE A 312 0.38 -25.38 15.52
CA PHE A 312 0.89 -25.26 16.89
C PHE A 312 2.42 -25.28 16.96
N GLU A 313 3.05 -26.22 16.28
CA GLU A 313 4.50 -26.36 16.43
C GLU A 313 5.21 -25.11 15.90
N TYR A 314 4.65 -24.49 14.87
CA TYR A 314 5.23 -23.24 14.36
C TYR A 314 5.19 -22.12 15.41
N ILE A 315 4.02 -21.82 15.99
CA ILE A 315 3.94 -20.64 16.83
C ILE A 315 4.58 -20.91 18.19
N GLU A 316 4.53 -22.17 18.63
CA GLU A 316 5.26 -22.60 19.81
C GLU A 316 6.76 -22.31 19.67
N HIS A 317 7.33 -22.76 18.56
CA HIS A 317 8.75 -22.51 18.33
C HIS A 317 9.03 -21.02 18.21
N ARG A 318 8.17 -20.28 17.52
CA ARG A 318 8.36 -18.85 17.30
C ARG A 318 8.53 -18.17 18.66
N VAL A 319 7.54 -18.34 19.53
CA VAL A 319 7.55 -17.70 20.83
C VAL A 319 8.67 -18.21 21.73
N LYS A 320 8.95 -19.51 21.67
CA LYS A 320 10.00 -20.07 22.53
C LYS A 320 11.41 -19.68 22.07
N GLN A 321 11.57 -19.37 20.78
CA GLN A 321 12.85 -18.86 20.30
C GLN A 321 13.14 -17.47 20.88
N VAL A 322 12.12 -16.62 20.91
CA VAL A 322 12.26 -15.31 21.51
C VAL A 322 12.56 -15.47 23.01
N ARG A 323 11.83 -16.38 23.64
CA ARG A 323 12.01 -16.67 25.07
C ARG A 323 13.43 -17.13 25.36
N TYR A 324 13.97 -17.97 24.47
CA TYR A 324 15.33 -18.49 24.62
C TYR A 324 16.32 -17.36 24.73
N LEU A 325 16.19 -16.37 23.83
CA LEU A 325 17.05 -15.21 23.87
C LEU A 325 16.92 -14.47 25.19
N GLY A 326 15.68 -14.22 25.59
CA GLY A 326 15.41 -13.48 26.81
C GLY A 326 15.96 -14.19 28.05
N GLU A 327 15.76 -15.50 28.10
CA GLU A 327 16.18 -16.28 29.26
C GLU A 327 17.69 -16.41 29.33
N LYS A 328 18.35 -16.48 28.17
CA LYS A 328 19.80 -16.57 28.15
C LYS A 328 20.40 -15.27 28.68
N LEU A 329 19.81 -14.15 28.30
CA LEU A 329 20.24 -12.85 28.81
C LEU A 329 19.99 -12.78 30.32
N LYS A 330 18.80 -13.17 30.75
CA LYS A 330 18.46 -13.14 32.17
C LYS A 330 19.41 -13.99 32.99
N ALA A 331 19.81 -15.14 32.46
CA ALA A 331 20.67 -16.07 33.18
C ALA A 331 22.07 -15.50 33.41
N ALA A 332 22.45 -14.50 32.61
CA ALA A 332 23.75 -13.85 32.73
C ALA A 332 23.61 -12.51 33.49
N GLY A 333 22.40 -12.20 33.94
CA GLY A 333 22.16 -11.01 34.72
C GLY A 333 21.87 -9.75 33.91
N VAL A 334 21.72 -9.88 32.60
CA VAL A 334 21.44 -8.72 31.76
C VAL A 334 20.02 -8.21 32.04
N PRO A 335 19.86 -6.89 32.27
CA PRO A 335 18.53 -6.35 32.57
C PRO A 335 17.63 -6.18 31.35
N ILE A 336 16.44 -6.78 31.40
CA ILE A 336 15.47 -6.70 30.31
C ILE A 336 14.07 -6.42 30.82
N VAL A 337 13.20 -5.92 29.95
CA VAL A 337 11.79 -5.79 30.27
C VAL A 337 11.20 -7.17 30.52
N GLU A 338 10.36 -7.29 31.54
CA GLU A 338 9.77 -8.59 31.88
C GLU A 338 8.25 -8.50 31.99
N PRO A 339 7.56 -9.63 31.76
CA PRO A 339 8.15 -10.87 31.23
C PRO A 339 8.46 -10.72 29.75
N VAL A 340 9.19 -11.67 29.19
CA VAL A 340 9.52 -11.64 27.77
C VAL A 340 8.25 -11.78 26.93
N GLY A 341 8.08 -10.88 25.97
CA GLY A 341 6.92 -10.91 25.10
C GLY A 341 7.06 -11.89 23.94
N GLY A 342 6.09 -11.85 23.04
CA GLY A 342 6.01 -12.85 21.99
C GLY A 342 6.96 -12.65 20.82
N HIS A 343 7.45 -11.42 20.62
CA HIS A 343 8.11 -11.09 19.36
C HIS A 343 9.45 -10.38 19.54
N ALA A 344 9.82 -10.06 20.77
CA ALA A 344 11.00 -9.24 21.01
C ALA A 344 11.48 -9.31 22.44
N VAL A 345 12.76 -8.98 22.61
CA VAL A 345 13.37 -8.79 23.92
C VAL A 345 13.82 -7.33 24.00
N PHE A 346 13.47 -6.65 25.08
CA PHE A 346 13.87 -5.26 25.28
C PHE A 346 14.96 -5.18 26.37
N LEU A 347 16.15 -4.74 25.98
CA LEU A 347 17.23 -4.45 26.92
C LEU A 347 16.94 -3.14 27.66
N ASP A 348 17.17 -3.11 28.97
CA ASP A 348 17.07 -1.87 29.73
C ASP A 348 18.42 -1.16 29.69
N ALA A 349 18.54 -0.20 28.79
CA ALA A 349 19.83 0.43 28.55
C ALA A 349 20.23 1.30 29.72
N ARG A 350 19.25 1.75 30.50
CA ARG A 350 19.54 2.62 31.63
C ARG A 350 20.37 1.88 32.67
N ARG A 351 19.97 0.67 33.00
CA ARG A 351 20.71 -0.21 33.88
C ARG A 351 21.88 -0.93 33.24
N PHE A 352 21.85 -1.10 31.96
CA PHE A 352 23.01 -1.63 31.23
C PHE A 352 24.18 -0.65 31.34
N CYS A 353 23.86 0.64 31.36
CA CYS A 353 24.86 1.71 31.28
C CYS A 353 24.66 2.74 32.39
N PRO A 354 24.77 2.31 33.65
CA PRO A 354 24.45 3.19 34.78
C PRO A 354 25.40 4.38 34.87
N HIS A 355 26.58 4.25 34.27
CA HIS A 355 27.57 5.32 34.24
C HIS A 355 27.21 6.45 33.27
N LEU A 356 26.19 6.22 32.43
CA LEU A 356 25.75 7.21 31.46
C LEU A 356 24.45 7.85 31.90
N THR A 357 24.32 9.14 31.66
CA THR A 357 23.05 9.82 31.87
C THR A 357 22.20 9.61 30.62
N GLN A 358 20.89 9.80 30.75
CA GLN A 358 20.02 9.62 29.60
C GLN A 358 20.37 10.60 28.48
N ASP A 359 20.97 11.73 28.87
CA ASP A 359 21.39 12.77 27.92
C ASP A 359 22.55 12.34 27.05
N GLU A 360 23.18 11.22 27.41
CA GLU A 360 24.29 10.68 26.66
C GLU A 360 23.81 9.49 25.79
N PHE A 361 22.51 9.27 25.79
CA PHE A 361 21.86 8.36 24.83
C PHE A 361 22.33 6.92 24.98
N PRO A 362 22.13 6.32 26.17
CA PRO A 362 22.69 4.99 26.40
C PRO A 362 22.06 3.92 25.50
N ALA A 363 20.77 4.00 25.22
CA ALA A 363 20.13 3.03 24.33
C ALA A 363 20.74 3.14 22.92
N GLN A 364 20.95 4.37 22.45
CA GLN A 364 21.55 4.55 21.13
C GLN A 364 22.96 4.00 21.12
N SER A 365 23.76 4.28 22.15
CA SER A 365 25.13 3.81 22.15
C SER A 365 25.20 2.30 22.31
N LEU A 366 24.32 1.73 23.12
CA LEU A 366 24.32 0.29 23.32
C LEU A 366 24.01 -0.42 21.99
N ALA A 367 23.03 0.11 21.25
CA ALA A 367 22.67 -0.48 19.96
C ALA A 367 23.86 -0.44 19.00
N ALA A 368 24.58 0.68 18.97
CA ALA A 368 25.79 0.77 18.16
C ALA A 368 26.84 -0.26 18.58
N SER A 369 27.08 -0.38 19.89
CA SER A 369 28.08 -1.32 20.38
C SER A 369 27.71 -2.76 20.04
N ILE A 370 26.44 -3.10 20.17
CA ILE A 370 25.99 -4.43 19.81
C ILE A 370 26.32 -4.72 18.34
N TYR A 371 26.05 -3.77 17.46
CA TYR A 371 26.35 -3.99 16.04
C TYR A 371 27.86 -4.17 15.83
N MET A 372 28.65 -3.31 16.44
CA MET A 372 30.10 -3.40 16.23
C MET A 372 30.67 -4.70 16.76
N GLU A 373 30.10 -5.20 17.85
CA GLU A 373 30.57 -6.45 18.44
C GLU A 373 30.18 -7.71 17.66
N THR A 374 29.04 -7.70 16.97
CA THR A 374 28.45 -8.93 16.43
C THR A 374 27.91 -8.89 15.00
N GLY A 375 27.62 -7.70 14.50
CA GLY A 375 26.96 -7.56 13.21
C GLY A 375 25.44 -7.65 13.36
N VAL A 376 24.96 -7.61 14.60
CA VAL A 376 23.53 -7.61 14.90
C VAL A 376 22.97 -6.20 14.98
N ARG A 377 21.91 -5.93 14.21
CA ARG A 377 21.23 -4.64 14.31
C ARG A 377 20.02 -4.72 15.22
N SER A 378 19.93 -3.75 16.13
CA SER A 378 18.78 -3.60 17.02
C SER A 378 18.26 -2.17 16.92
N MET A 379 17.07 -1.93 17.44
CA MET A 379 16.45 -0.61 17.38
C MET A 379 16.49 0.13 18.72
N GLU A 380 17.00 1.35 18.68
CA GLU A 380 16.83 2.30 19.78
C GLU A 380 15.34 2.59 19.99
N ARG A 381 14.85 2.35 21.19
CA ARG A 381 13.50 2.74 21.57
C ARG A 381 13.60 3.46 22.91
N GLY A 382 14.13 4.68 22.86
CA GLY A 382 14.38 5.47 24.05
C GLY A 382 14.32 6.97 23.77
N ILE A 383 15.21 7.72 24.40
CA ILE A 383 15.15 9.18 24.37
C ILE A 383 15.27 9.74 22.94
N ILE A 384 16.12 9.14 22.11
CA ILE A 384 16.25 9.60 20.73
C ILE A 384 14.94 9.43 19.96
N SER A 385 14.36 8.24 20.02
CA SER A 385 13.09 7.97 19.33
C SER A 385 11.94 8.79 19.90
N ALA A 386 12.08 9.22 21.16
CA ALA A 386 11.03 10.00 21.82
C ALA A 386 10.88 11.39 21.19
N GLY A 387 11.97 11.88 20.60
CA GLY A 387 11.95 13.17 19.94
C GLY A 387 12.22 14.31 20.92
N ARG A 388 12.32 15.53 20.39
CA ARG A 388 12.60 16.69 21.21
C ARG A 388 11.29 17.39 21.58
N ASN A 389 11.22 17.89 22.81
CA ASN A 389 10.03 18.60 23.28
C ASN A 389 9.83 19.90 22.51
N LYS A 390 8.73 19.95 21.76
CA LYS A 390 8.47 21.05 20.85
C LYS A 390 8.43 22.41 21.56
N GLU A 391 7.75 22.43 22.70
CA GLU A 391 7.48 23.68 23.41
C GLU A 391 8.73 24.23 24.12
N THR A 392 9.40 23.37 24.89
CA THR A 392 10.53 23.81 25.72
C THR A 392 11.89 23.55 25.08
N GLY A 393 11.91 22.77 23.99
CA GLY A 393 13.13 22.55 23.24
C GLY A 393 14.09 21.54 23.88
N ASP A 394 13.68 20.95 25.00
CA ASP A 394 14.48 19.90 25.64
C ASP A 394 14.02 18.53 25.12
N HIS A 395 14.81 17.49 25.38
CA HIS A 395 14.40 16.14 25.04
C HIS A 395 13.09 15.78 25.73
N HIS A 396 12.23 15.02 25.06
CA HIS A 396 11.23 14.21 25.77
C HIS A 396 12.01 13.12 26.50
N ARG A 397 11.66 12.87 27.75
CA ARG A 397 12.39 11.89 28.56
C ARG A 397 11.50 10.73 28.94
N PRO A 398 11.51 9.66 28.12
CA PRO A 398 10.65 8.51 28.38
C PRO A 398 11.19 7.67 29.52
N LYS A 399 10.30 7.04 30.29
CA LYS A 399 10.74 6.19 31.38
C LYS A 399 11.50 5.00 30.84
N LEU A 400 11.06 4.48 29.70
CA LEU A 400 11.73 3.34 29.07
C LEU A 400 12.85 3.79 28.14
N GLU A 401 14.08 3.51 28.55
CA GLU A 401 15.26 3.70 27.74
C GLU A 401 15.75 2.32 27.32
N THR A 402 15.28 1.84 26.16
CA THR A 402 15.50 0.44 25.78
C THR A 402 16.09 0.23 24.39
N VAL A 403 16.68 -0.94 24.21
CA VAL A 403 17.13 -1.42 22.91
C VAL A 403 16.26 -2.63 22.59
N ARG A 404 15.59 -2.59 21.46
CA ARG A 404 14.67 -3.66 21.10
C ARG A 404 15.34 -4.66 20.18
N LEU A 405 15.33 -5.92 20.62
CA LEU A 405 15.79 -7.06 19.84
C LEU A 405 14.54 -7.73 19.27
N THR A 406 14.18 -7.36 18.05
CA THR A 406 12.90 -7.79 17.45
C THR A 406 13.16 -8.96 16.51
N ILE A 407 12.45 -10.07 16.71
CA ILE A 407 12.76 -11.31 16.02
C ILE A 407 11.81 -11.58 14.85
N PRO A 408 12.32 -11.46 13.61
CA PRO A 408 11.50 -11.89 12.46
C PRO A 408 11.13 -13.37 12.56
N ARG A 409 10.02 -13.77 11.94
CA ARG A 409 9.57 -15.15 11.99
C ARG A 409 10.25 -16.05 10.96
N ARG A 410 10.80 -17.16 11.45
CA ARG A 410 11.40 -18.24 10.65
C ARG A 410 12.70 -17.84 9.93
N VAL A 411 13.36 -16.77 10.39
CA VAL A 411 14.53 -16.27 9.67
C VAL A 411 15.85 -16.70 10.31
N TYR A 412 15.87 -16.76 11.65
CA TYR A 412 17.09 -17.01 12.40
C TYR A 412 16.98 -18.32 13.21
N THR A 413 18.13 -18.78 13.71
CA THR A 413 18.21 -20.04 14.42
C THR A 413 18.58 -19.77 15.87
N TYR A 414 18.60 -20.83 16.69
CA TYR A 414 19.12 -20.72 18.05
C TYR A 414 20.59 -20.31 18.06
N ALA A 415 21.34 -20.73 17.06
CA ALA A 415 22.75 -20.34 16.98
C ALA A 415 22.88 -18.82 16.82
N HIS A 416 21.99 -18.23 16.02
CA HIS A 416 21.95 -16.79 15.86
C HIS A 416 21.56 -16.12 17.18
N MET A 417 20.60 -16.71 17.88
CA MET A 417 20.21 -16.17 19.19
C MET A 417 21.40 -16.22 20.17
N ASP A 418 22.17 -17.30 20.13
CA ASP A 418 23.37 -17.43 20.97
C ASP A 418 24.40 -16.36 20.64
N LEU A 419 24.56 -16.09 19.35
CA LEU A 419 25.53 -15.10 18.92
C LEU A 419 25.12 -13.72 19.43
N VAL A 420 23.84 -13.42 19.32
CA VAL A 420 23.26 -12.18 19.82
C VAL A 420 23.47 -12.08 21.34
N ALA A 421 23.04 -13.09 22.06
CA ALA A 421 23.14 -13.09 23.51
C ALA A 421 24.61 -13.04 23.98
N ASP A 422 25.48 -13.83 23.36
CA ASP A 422 26.88 -13.88 23.76
C ASP A 422 27.57 -12.52 23.59
N GLY A 423 27.22 -11.82 22.53
CA GLY A 423 27.77 -10.50 22.29
C GLY A 423 27.29 -9.48 23.31
N ILE A 424 25.98 -9.50 23.59
CA ILE A 424 25.42 -8.58 24.58
C ILE A 424 25.99 -8.85 25.98
N ILE A 425 26.15 -10.13 26.30
CA ILE A 425 26.68 -10.53 27.60
C ILE A 425 28.14 -10.08 27.75
N LYS A 426 28.93 -10.21 26.69
CA LYS A 426 30.30 -9.72 26.72
C LYS A 426 30.33 -8.20 26.93
N LEU A 427 29.44 -7.48 26.26
CA LEU A 427 29.34 -6.04 26.45
C LEU A 427 28.95 -5.71 27.88
N PHE A 428 28.07 -6.53 28.45
CA PHE A 428 27.56 -6.30 29.80
C PHE A 428 28.68 -6.46 30.84
N LYS A 429 29.57 -7.44 30.63
CA LYS A 429 30.66 -7.69 31.55
C LYS A 429 31.71 -6.58 31.50
N HIS A 430 31.69 -5.79 30.43
CA HIS A 430 32.62 -4.68 30.26
C HIS A 430 31.85 -3.39 30.00
N LYS A 431 30.67 -3.29 30.61
CA LYS A 431 29.72 -2.23 30.29
C LYS A 431 30.29 -0.84 30.52
N GLU A 432 31.23 -0.72 31.46
CA GLU A 432 31.79 0.58 31.80
C GLU A 432 32.48 1.20 30.59
N ASP A 433 32.90 0.37 29.64
CA ASP A 433 33.62 0.83 28.46
C ASP A 433 32.70 1.38 27.36
N ILE A 434 31.39 1.25 27.54
CA ILE A 434 30.43 1.82 26.60
C ILE A 434 30.41 3.34 26.76
N LYS A 435 30.77 4.07 25.69
CA LYS A 435 30.88 5.52 25.76
C LYS A 435 29.56 6.21 25.43
N GLY A 436 29.35 7.39 26.02
CA GLY A 436 28.16 8.17 25.74
C GLY A 436 28.23 8.79 24.35
N LEU A 437 27.06 9.12 23.79
CA LEU A 437 26.99 9.75 22.47
C LEU A 437 26.47 11.17 22.55
N LYS A 438 26.82 11.96 21.53
CA LYS A 438 26.25 13.29 21.35
C LYS A 438 25.90 13.49 19.87
N PHE A 439 24.95 14.37 19.59
CA PHE A 439 24.61 14.72 18.22
C PHE A 439 25.78 15.37 17.50
N VAL A 440 25.94 15.03 16.22
CA VAL A 440 26.72 15.85 15.31
C VAL A 440 25.77 16.37 14.23
N TYR A 441 24.65 15.66 14.06
CA TYR A 441 23.56 16.11 13.16
C TYR A 441 22.21 15.67 13.67
N GLU A 442 21.30 16.63 13.82
CA GLU A 442 19.95 16.34 14.31
C GLU A 442 18.87 16.93 13.41
N PRO A 443 18.05 16.07 12.77
CA PRO A 443 16.89 16.55 12.00
C PRO A 443 15.84 17.17 12.90
N LYS A 444 14.96 18.00 12.35
CA LYS A 444 13.92 18.64 13.15
C LYS A 444 12.70 17.72 13.35
N GLN A 445 12.64 16.63 12.57
CA GLN A 445 11.58 15.63 12.73
C GLN A 445 12.08 14.23 12.35
N LEU A 446 11.42 13.20 12.87
CA LEU A 446 11.86 11.81 12.71
C LEU A 446 13.35 11.66 13.02
N ARG A 447 13.80 12.22 14.13
CA ARG A 447 15.23 12.34 14.33
C ARG A 447 15.90 10.97 14.43
N PHE A 448 15.17 9.97 14.93
CA PHE A 448 15.74 8.63 15.08
C PHE A 448 16.11 8.04 13.71
N PHE A 449 15.46 8.53 12.66
CA PHE A 449 15.62 7.95 11.33
C PHE A 449 16.93 8.35 10.66
N THR A 450 17.40 9.58 10.90
CA THR A 450 18.60 10.07 10.20
C THR A 450 19.60 10.84 11.08
N ALA A 451 19.35 10.93 12.38
CA ALA A 451 20.31 11.59 13.28
C ALA A 451 21.68 10.91 13.21
N ARG A 452 22.72 11.71 13.41
CA ARG A 452 24.09 11.21 13.46
C ARG A 452 24.77 11.66 14.75
N PHE A 453 25.63 10.80 15.28
CA PHE A 453 26.28 11.01 16.57
C PHE A 453 27.77 10.77 16.52
N ASP A 454 28.49 11.20 17.55
CA ASP A 454 29.83 10.71 17.81
C ASP A 454 29.99 10.66 19.33
N TYR A 455 31.08 10.04 19.76
CA TYR A 455 31.30 9.81 21.18
C TYR A 455 31.74 11.07 21.93
N VAL A 456 31.31 11.16 23.18
CA VAL A 456 31.82 12.18 24.09
C VAL A 456 33.21 11.76 24.56
N HIS A 457 34.08 12.73 24.79
CA HIS A 457 35.42 12.47 25.32
C HIS A 457 35.81 13.53 26.33
N MET B 1 8.02 0.17 -39.10
CA MET B 1 6.85 -0.64 -39.26
C MET B 1 5.61 -0.11 -38.58
N MET B 2 4.53 -0.21 -39.31
CA MET B 2 3.28 0.21 -38.80
C MET B 2 2.94 -0.64 -37.56
N TYR B 3 3.21 -1.93 -37.64
CA TYR B 3 2.89 -2.84 -36.56
C TYR B 3 4.02 -3.82 -36.31
N PRO B 4 4.97 -3.46 -35.49
CA PRO B 4 6.13 -4.33 -35.30
C PRO B 4 5.83 -5.54 -34.43
N ALA B 5 6.63 -6.59 -34.58
CA ALA B 5 6.52 -7.77 -33.74
C ALA B 5 6.95 -7.45 -32.32
N GLU B 6 6.55 -8.29 -31.37
CA GLU B 6 6.96 -8.13 -29.99
C GLU B 6 8.47 -8.17 -29.84
N PRO B 7 9.07 -7.13 -29.21
CA PRO B 7 10.52 -7.07 -29.02
C PRO B 7 10.97 -7.87 -27.79
N TYR B 8 10.45 -9.08 -27.68
CA TYR B 8 10.72 -9.98 -26.56
C TYR B 8 10.13 -11.32 -26.92
N ARG B 9 10.49 -12.36 -26.16
CA ARG B 9 9.86 -13.66 -26.26
C ARG B 9 8.97 -13.91 -25.06
N ILE B 10 8.14 -14.93 -25.16
CA ILE B 10 7.35 -15.37 -24.03
C ILE B 10 8.22 -16.27 -23.16
N LYS B 11 8.39 -15.90 -21.90
CA LYS B 11 9.14 -16.72 -20.95
C LYS B 11 8.21 -17.71 -20.26
N SER B 12 7.04 -17.23 -19.85
CA SER B 12 6.06 -18.11 -19.21
C SER B 12 4.66 -17.63 -19.54
N VAL B 13 3.71 -18.57 -19.53
CA VAL B 13 2.33 -18.24 -19.87
C VAL B 13 1.41 -18.35 -18.66
N GLU B 14 0.29 -17.64 -18.74
CA GLU B 14 -0.79 -17.77 -17.78
C GLU B 14 -1.88 -18.60 -18.44
N THR B 15 -2.12 -19.80 -17.95
CA THR B 15 -3.11 -20.65 -18.60
C THR B 15 -4.49 -20.06 -18.37
N VAL B 16 -5.39 -20.32 -19.31
CA VAL B 16 -6.78 -19.84 -19.23
C VAL B 16 -7.70 -21.03 -19.52
N SER B 17 -8.94 -20.97 -19.06
CA SER B 17 -9.84 -22.11 -19.20
C SER B 17 -10.53 -22.28 -20.58
N MET B 18 -10.69 -21.22 -21.36
CA MET B 18 -11.27 -21.34 -22.73
C MET B 18 -12.68 -21.94 -22.70
N ILE B 19 -13.55 -21.36 -21.89
CA ILE B 19 -14.92 -21.88 -21.78
C ILE B 19 -15.77 -21.50 -23.00
N PRO B 20 -16.72 -22.38 -23.36
CA PRO B 20 -17.53 -22.14 -24.55
C PRO B 20 -18.60 -21.08 -24.33
N ARG B 21 -19.25 -20.66 -25.41
CA ARG B 21 -20.19 -19.54 -25.38
C ARG B 21 -21.32 -19.76 -24.39
N GLU B 22 -21.88 -20.96 -24.39
CA GLU B 22 -22.98 -21.28 -23.49
C GLU B 22 -22.58 -21.07 -22.04
N GLU B 23 -21.34 -21.43 -21.73
CA GLU B 23 -20.83 -21.26 -20.37
C GLU B 23 -20.53 -19.78 -20.08
N ARG B 24 -20.03 -19.03 -21.06
CA ARG B 24 -19.82 -17.59 -20.87
C ARG B 24 -21.13 -16.87 -20.57
N ILE B 25 -22.18 -17.21 -21.32
CA ILE B 25 -23.48 -16.62 -21.08
C ILE B 25 -23.96 -16.93 -19.65
N LYS B 26 -23.79 -18.17 -19.22
CA LYS B 26 -24.16 -18.54 -17.85
C LYS B 26 -23.39 -17.70 -16.82
N ARG B 27 -22.08 -17.55 -17.01
CA ARG B 27 -21.27 -16.77 -16.07
C ARG B 27 -21.63 -15.28 -16.13
N MET B 28 -21.94 -14.77 -17.32
CA MET B 28 -22.31 -13.36 -17.45
C MET B 28 -23.61 -13.09 -16.69
N ARG B 29 -24.58 -13.99 -16.85
CA ARG B 29 -25.85 -13.83 -16.14
C ARG B 29 -25.66 -13.93 -14.62
N GLU B 30 -24.80 -14.85 -14.18
CA GLU B 30 -24.49 -14.98 -12.76
C GLU B 30 -23.87 -13.70 -12.24
N ALA B 31 -23.15 -12.99 -13.11
CA ALA B 31 -22.53 -11.71 -12.77
C ALA B 31 -23.50 -10.54 -13.00
N GLY B 32 -24.77 -10.83 -13.18
CA GLY B 32 -25.78 -9.80 -13.37
C GLY B 32 -25.52 -8.89 -14.55
N TYR B 33 -24.89 -9.46 -15.58
CA TYR B 33 -24.50 -8.74 -16.79
C TYR B 33 -23.65 -7.51 -16.46
N ASN B 34 -22.91 -7.61 -15.36
CA ASN B 34 -21.95 -6.59 -14.95
C ASN B 34 -20.53 -7.16 -15.02
N THR B 35 -19.69 -6.67 -15.92
CA THR B 35 -18.37 -7.29 -16.09
C THR B 35 -17.49 -7.14 -14.87
N PHE B 36 -17.77 -6.16 -13.99
CA PHE B 36 -17.01 -6.04 -12.76
C PHE B 36 -17.24 -7.22 -11.81
N LEU B 37 -18.34 -7.95 -12.01
CA LEU B 37 -18.65 -9.08 -11.14
C LEU B 37 -18.17 -10.40 -11.71
N LEU B 38 -17.55 -10.38 -12.90
CA LEU B 38 -16.99 -11.60 -13.46
C LEU B 38 -15.79 -12.04 -12.65
N ASN B 39 -15.66 -13.35 -12.46
CA ASN B 39 -14.47 -13.93 -11.86
C ASN B 39 -13.34 -13.91 -12.88
N SER B 40 -12.14 -13.59 -12.44
CA SER B 40 -10.99 -13.56 -13.32
C SER B 40 -10.80 -14.90 -14.02
N LYS B 41 -11.10 -16.00 -13.32
CA LYS B 41 -10.88 -17.32 -13.91
C LYS B 41 -11.80 -17.59 -15.10
N ASP B 42 -12.87 -16.83 -15.23
CA ASP B 42 -13.79 -16.99 -16.37
C ASP B 42 -13.53 -16.02 -17.52
N VAL B 43 -12.47 -15.21 -17.41
CA VAL B 43 -12.11 -14.24 -18.44
C VAL B 43 -10.88 -14.69 -19.23
N TYR B 44 -11.01 -14.66 -20.54
CA TYR B 44 -9.95 -15.08 -21.46
C TYR B 44 -8.96 -13.93 -21.66
N VAL B 45 -9.46 -12.81 -22.15
CA VAL B 45 -8.67 -11.61 -22.38
C VAL B 45 -9.23 -10.49 -21.51
N ASP B 46 -8.47 -10.03 -20.52
CA ASP B 46 -9.01 -9.13 -19.52
C ASP B 46 -8.55 -7.70 -19.77
N LEU B 47 -9.42 -6.89 -20.38
CA LEU B 47 -9.09 -5.52 -20.72
C LEU B 47 -9.79 -4.52 -19.80
N LEU B 48 -10.06 -4.96 -18.58
CA LEU B 48 -10.66 -4.11 -17.57
C LEU B 48 -9.77 -2.90 -17.28
N THR B 49 -8.47 -3.12 -17.17
CA THR B 49 -7.55 -2.03 -16.89
C THR B 49 -6.12 -2.37 -17.28
N ASP B 50 -5.32 -1.34 -17.55
CA ASP B 50 -3.87 -1.48 -17.72
C ASP B 50 -3.10 -1.25 -16.42
N SER B 51 -3.81 -1.13 -15.31
CA SER B 51 -3.16 -0.85 -14.02
C SER B 51 -2.83 -2.12 -13.25
N GLY B 52 -1.54 -2.41 -13.13
CA GLY B 52 -1.08 -3.50 -12.27
C GLY B 52 -1.25 -4.88 -12.87
N THR B 53 -1.62 -4.92 -14.15
CA THR B 53 -1.92 -6.15 -14.86
C THR B 53 -0.78 -6.55 -15.82
N ASN B 54 0.32 -5.80 -15.79
CA ASN B 54 1.43 -5.99 -16.73
C ASN B 54 2.18 -7.31 -16.53
N ALA B 55 2.79 -7.80 -17.59
CA ALA B 55 3.67 -8.96 -17.50
C ALA B 55 5.08 -8.45 -17.21
N MET B 56 5.70 -8.98 -16.16
CA MET B 56 7.08 -8.64 -15.83
C MET B 56 8.04 -9.46 -16.68
N SER B 57 9.29 -9.02 -16.72
CA SER B 57 10.34 -9.74 -17.42
C SER B 57 11.04 -10.78 -16.55
N ASP B 58 11.85 -11.61 -17.19
CA ASP B 58 12.74 -12.52 -16.48
C ASP B 58 13.65 -11.75 -15.54
N LYS B 59 14.18 -10.61 -15.99
CA LYS B 59 15.06 -9.81 -15.15
C LYS B 59 14.32 -9.30 -13.90
N GLN B 60 13.07 -8.91 -14.07
CA GLN B 60 12.28 -8.44 -12.94
C GLN B 60 12.03 -9.59 -11.96
N TRP B 61 11.72 -10.78 -12.47
CA TRP B 61 11.47 -11.92 -11.61
C TRP B 61 12.76 -12.37 -10.91
N ALA B 62 13.90 -12.20 -11.56
CA ALA B 62 15.18 -12.45 -10.88
C ALA B 62 15.30 -11.49 -9.69
N GLY B 63 14.91 -10.23 -9.93
CA GLY B 63 14.90 -9.23 -8.87
C GLY B 63 13.96 -9.61 -7.75
N MET B 64 12.85 -10.25 -8.10
CA MET B 64 11.85 -10.67 -7.12
C MET B 64 12.43 -11.72 -6.16
N MET B 65 13.45 -12.46 -6.60
CA MET B 65 14.11 -13.46 -5.74
C MET B 65 15.17 -12.82 -4.85
N MET B 66 15.50 -11.55 -5.11
CA MET B 66 16.54 -10.83 -4.35
C MET B 66 15.93 -9.70 -3.52
N GLY B 67 14.73 -9.94 -3.02
CA GLY B 67 14.10 -9.00 -2.13
C GLY B 67 14.87 -8.92 -0.81
N ASP B 68 15.31 -7.71 -0.50
CA ASP B 68 15.97 -7.35 0.76
C ASP B 68 14.88 -6.72 1.60
N GLU B 69 14.32 -7.50 2.52
CA GLU B 69 13.07 -7.11 3.16
C GLU B 69 13.31 -6.29 4.44
N ALA B 70 14.52 -5.77 4.60
CA ALA B 70 14.86 -4.96 5.75
C ALA B 70 14.02 -3.69 5.86
N TYR B 71 13.70 -3.31 7.10
CA TYR B 71 12.85 -2.15 7.36
C TYR B 71 13.51 -0.84 6.96
N ALA B 72 14.84 -0.81 7.04
CA ALA B 72 15.64 0.35 6.71
C ALA B 72 16.89 -0.11 5.98
N GLY B 73 17.37 0.69 5.04
CA GLY B 73 18.61 0.40 4.34
C GLY B 73 18.57 -0.73 3.33
N SER B 74 17.38 -1.08 2.86
CA SER B 74 17.27 -2.15 1.87
C SER B 74 18.00 -1.81 0.57
N GLU B 75 18.74 -2.78 0.05
CA GLU B 75 19.38 -2.64 -1.26
C GLU B 75 18.37 -2.28 -2.33
N ASN B 76 17.14 -2.78 -2.20
CA ASN B 76 16.11 -2.54 -3.20
C ASN B 76 15.67 -1.09 -3.20
N PHE B 77 15.59 -0.49 -2.01
CA PHE B 77 15.26 0.93 -1.90
C PHE B 77 16.33 1.76 -2.60
N PHE B 78 17.59 1.44 -2.33
CA PHE B 78 18.67 2.21 -2.92
C PHE B 78 18.66 2.07 -4.45
N HIS B 79 18.36 0.89 -4.96
CA HIS B 79 18.28 0.68 -6.41
C HIS B 79 17.15 1.55 -7.00
N LEU B 80 15.99 1.52 -6.36
CA LEU B 80 14.85 2.31 -6.83
C LEU B 80 15.19 3.81 -6.81
N GLU B 81 15.77 4.24 -5.69
CA GLU B 81 16.11 5.65 -5.51
C GLU B 81 17.09 6.11 -6.59
N ARG B 82 18.14 5.35 -6.83
CA ARG B 82 19.14 5.80 -7.79
C ARG B 82 18.58 5.71 -9.22
N THR B 83 17.73 4.73 -9.47
CA THR B 83 17.10 4.62 -10.78
C THR B 83 16.19 5.83 -11.08
N VAL B 84 15.36 6.22 -10.12
CA VAL B 84 14.45 7.33 -10.37
C VAL B 84 15.24 8.64 -10.45
N GLN B 85 16.26 8.79 -9.61
CA GLN B 85 17.10 9.99 -9.67
C GLN B 85 17.75 10.11 -11.04
N GLU B 86 18.26 9.01 -11.57
CA GLU B 86 18.89 8.98 -12.90
C GLU B 86 17.90 9.27 -14.03
N LEU B 87 16.77 8.58 -14.03
CA LEU B 87 15.87 8.63 -15.18
C LEU B 87 14.88 9.78 -15.15
N PHE B 88 14.43 10.18 -13.96
CA PHE B 88 13.49 11.30 -13.83
C PHE B 88 14.19 12.60 -13.45
N GLY B 89 15.31 12.50 -12.76
CA GLY B 89 16.10 13.67 -12.43
C GLY B 89 15.73 14.41 -11.15
N PHE B 90 14.73 13.93 -10.43
CA PHE B 90 14.34 14.60 -9.19
C PHE B 90 15.34 14.32 -8.08
N LYS B 91 15.45 15.25 -7.14
CA LYS B 91 16.41 15.14 -6.05
C LYS B 91 16.00 14.07 -5.04
N HIS B 92 14.72 13.98 -4.72
CA HIS B 92 14.24 13.13 -3.63
C HIS B 92 13.11 12.21 -4.10
N ILE B 93 13.08 11.02 -3.54
CA ILE B 93 11.99 10.08 -3.78
C ILE B 93 11.46 9.46 -2.48
N VAL B 94 10.13 9.35 -2.40
CA VAL B 94 9.45 8.59 -1.36
C VAL B 94 8.62 7.47 -2.02
N PRO B 95 8.96 6.20 -1.76
CA PRO B 95 8.11 5.14 -2.32
C PRO B 95 6.72 5.12 -1.68
N THR B 96 5.71 4.69 -2.43
CA THR B 96 4.36 4.52 -1.92
C THR B 96 3.81 3.22 -2.50
N HIS B 97 2.73 2.68 -1.93
CA HIS B 97 2.28 1.35 -2.37
C HIS B 97 1.69 1.44 -3.78
N GLN B 98 1.13 2.58 -4.15
CA GLN B 98 0.82 2.87 -5.55
C GLN B 98 0.54 4.37 -5.70
N GLY B 99 0.06 4.76 -6.87
CA GLY B 99 -0.04 6.17 -7.21
C GLY B 99 -0.85 7.01 -6.23
N ARG B 100 -2.02 6.50 -5.83
CA ARG B 100 -2.93 7.32 -5.01
C ARG B 100 -2.39 7.51 -3.59
N GLY B 101 -1.44 6.67 -3.18
CA GLY B 101 -0.71 6.93 -1.96
C GLY B 101 0.18 8.16 -2.07
N ALA B 102 0.85 8.31 -3.22
CA ALA B 102 1.69 9.48 -3.44
C ALA B 102 0.82 10.74 -3.55
N GLU B 103 -0.37 10.60 -4.12
CA GLU B 103 -1.30 11.73 -4.23
C GLU B 103 -1.77 12.22 -2.88
N ASN B 104 -2.08 11.27 -2.00
CA ASN B 104 -2.44 11.59 -0.62
C ASN B 104 -1.35 12.44 0.02
N LEU B 105 -0.10 12.03 -0.13
CA LEU B 105 1.02 12.79 0.43
C LEU B 105 1.15 14.18 -0.18
N LEU B 106 1.19 14.26 -1.51
CA LEU B 106 1.39 15.54 -2.19
C LEU B 106 0.32 16.56 -1.80
N SER B 107 -0.94 16.16 -1.90
CA SER B 107 -2.05 17.08 -1.64
C SER B 107 -2.13 17.48 -0.16
N SER B 108 -1.69 16.57 0.72
CA SER B 108 -1.68 16.85 2.15
C SER B 108 -0.60 17.85 2.52
N LEU B 109 0.42 17.97 1.67
CA LEU B 109 1.57 18.84 1.94
C LEU B 109 1.51 20.18 1.21
N ALA B 110 0.91 20.20 0.03
CA ALA B 110 1.07 21.33 -0.88
C ALA B 110 -0.18 22.21 -1.03
N ILE B 111 -1.25 21.86 -0.31
CA ILE B 111 -2.53 22.56 -0.45
C ILE B 111 -2.99 23.17 0.88
N LYS B 112 -3.17 24.48 0.88
CA LYS B 112 -3.83 25.19 1.98
C LYS B 112 -5.31 25.32 1.64
N PRO B 113 -6.19 25.25 2.65
CA PRO B 113 -7.63 25.37 2.36
C PRO B 113 -7.98 26.67 1.63
N GLY B 114 -8.92 26.59 0.69
CA GLY B 114 -9.34 27.74 -0.09
C GLY B 114 -8.53 28.00 -1.36
N GLN B 115 -7.48 27.20 -1.58
CA GLN B 115 -6.65 27.37 -2.76
C GLN B 115 -7.23 26.66 -3.98
N TYR B 116 -6.63 26.90 -5.14
CA TYR B 116 -7.02 26.24 -6.37
C TYR B 116 -5.93 25.30 -6.88
N VAL B 117 -6.35 24.17 -7.45
CA VAL B 117 -5.47 23.31 -8.21
C VAL B 117 -5.99 23.27 -9.64
N ALA B 118 -5.12 23.59 -10.59
CA ALA B 118 -5.49 23.59 -12.00
C ALA B 118 -4.75 22.47 -12.72
N GLY B 119 -5.45 21.76 -13.59
CA GLY B 119 -4.83 20.69 -14.34
C GLY B 119 -5.50 20.43 -15.67
N ASN B 120 -4.81 19.64 -16.50
CA ASN B 120 -5.36 19.21 -17.76
C ASN B 120 -6.27 18.00 -17.53
N MET B 121 -7.54 18.31 -17.23
CA MET B 121 -8.53 17.31 -16.83
C MET B 121 -8.10 16.66 -15.52
N TYR B 122 -8.71 15.53 -15.16
CA TYR B 122 -8.48 14.95 -13.84
C TYR B 122 -8.68 13.44 -13.81
N PHE B 123 -8.20 12.85 -12.72
CA PHE B 123 -8.50 11.46 -12.38
C PHE B 123 -9.15 11.42 -11.01
N THR B 124 -10.05 10.46 -10.80
CA THR B 124 -10.88 10.44 -9.61
C THR B 124 -10.09 10.53 -8.30
N THR B 125 -9.07 9.71 -8.13
CA THR B 125 -8.37 9.68 -6.84
C THR B 125 -7.55 10.94 -6.65
N THR B 126 -6.95 11.40 -7.73
CA THR B 126 -6.12 12.60 -7.70
C THR B 126 -6.95 13.79 -7.24
N ARG B 127 -8.11 13.95 -7.87
CA ARG B 127 -8.99 15.07 -7.56
C ARG B 127 -9.56 14.95 -6.16
N TYR B 128 -9.89 13.73 -5.72
CA TYR B 128 -10.38 13.54 -4.37
C TYR B 128 -9.42 14.11 -3.34
N HIS B 129 -8.14 13.76 -3.46
CA HIS B 129 -7.16 14.17 -2.45
C HIS B 129 -6.93 15.68 -2.50
N GLN B 130 -7.01 16.25 -3.70
CA GLN B 130 -6.91 17.70 -3.84
C GLN B 130 -8.06 18.39 -3.11
N GLU B 131 -9.28 17.93 -3.38
CA GLU B 131 -10.47 18.53 -2.79
C GLU B 131 -10.56 18.24 -1.28
N LYS B 132 -10.16 17.04 -0.89
CA LYS B 132 -10.17 16.65 0.52
C LYS B 132 -9.31 17.60 1.37
N ASN B 133 -8.25 18.13 0.76
CA ASN B 133 -7.34 19.04 1.45
C ASN B 133 -7.67 20.52 1.23
N GLY B 134 -8.86 20.79 0.71
CA GLY B 134 -9.40 22.14 0.67
C GLY B 134 -9.33 22.85 -0.68
N ALA B 135 -8.92 22.16 -1.72
CA ALA B 135 -8.73 22.80 -3.02
C ALA B 135 -9.96 22.72 -3.90
N THR B 136 -10.11 23.75 -4.73
CA THR B 136 -11.09 23.74 -5.81
C THR B 136 -10.34 23.39 -7.10
N PHE B 137 -10.85 22.41 -7.84
CA PHE B 137 -10.17 21.99 -9.06
C PHE B 137 -10.67 22.78 -10.25
N ILE B 138 -9.73 23.31 -11.03
CA ILE B 138 -10.02 24.05 -12.27
C ILE B 138 -9.46 23.31 -13.47
N ASP B 139 -10.30 22.96 -14.43
CA ASP B 139 -9.84 22.33 -15.65
C ASP B 139 -9.28 23.38 -16.60
N ILE B 140 -8.01 23.24 -16.98
CA ILE B 140 -7.38 24.18 -17.91
C ILE B 140 -6.87 23.48 -19.16
N VAL B 141 -7.38 22.29 -19.44
CA VAL B 141 -7.04 21.61 -20.68
C VAL B 141 -7.56 22.40 -21.87
N ARG B 142 -6.92 22.24 -23.01
CA ARG B 142 -7.40 22.84 -24.26
C ARG B 142 -8.79 22.33 -24.60
N ASP B 143 -9.57 23.16 -25.27
CA ASP B 143 -10.97 22.84 -25.57
C ASP B 143 -11.12 21.60 -26.43
N GLU B 144 -10.15 21.36 -27.30
CA GLU B 144 -10.18 20.21 -28.20
C GLU B 144 -10.30 18.89 -27.44
N ALA B 145 -9.75 18.84 -26.24
CA ALA B 145 -9.74 17.61 -25.44
C ALA B 145 -11.15 17.10 -25.17
N HIS B 146 -12.12 18.01 -25.16
CA HIS B 146 -13.50 17.65 -24.83
C HIS B 146 -14.32 17.24 -26.05
N ASP B 147 -13.68 17.24 -27.22
CA ASP B 147 -14.30 16.77 -28.46
C ASP B 147 -13.79 15.38 -28.78
N ALA B 148 -14.54 14.37 -28.36
CA ALA B 148 -14.12 12.97 -28.49
C ALA B 148 -13.88 12.51 -29.93
N GLY B 149 -14.44 13.23 -30.91
CA GLY B 149 -14.32 12.81 -32.30
C GLY B 149 -13.20 13.51 -33.04
N LEU B 150 -12.61 14.52 -32.41
CA LEU B 150 -11.61 15.35 -33.07
C LEU B 150 -10.21 14.73 -33.05
N ASP B 151 -9.69 14.40 -34.23
CA ASP B 151 -8.35 13.82 -34.38
C ASP B 151 -7.29 14.91 -34.51
N VAL B 152 -6.73 15.35 -33.37
CA VAL B 152 -5.62 16.30 -33.36
C VAL B 152 -4.49 15.85 -32.43
N LYS B 153 -3.27 16.26 -32.75
CA LYS B 153 -2.11 15.94 -31.93
C LYS B 153 -2.12 16.61 -30.57
N PHE B 154 -1.48 15.92 -29.60
CA PHE B 154 -1.25 16.45 -28.26
C PHE B 154 -2.48 17.11 -27.67
N LYS B 155 -3.58 16.36 -27.79
CA LYS B 155 -4.89 16.76 -27.30
C LYS B 155 -4.90 17.04 -25.80
N GLY B 156 -3.90 16.52 -25.08
CA GLY B 156 -3.84 16.68 -23.64
C GLY B 156 -3.23 17.98 -23.15
N ASN B 157 -2.73 18.80 -24.07
CA ASN B 157 -2.07 20.06 -23.71
C ASN B 157 -2.93 20.97 -22.86
N ILE B 158 -2.28 21.67 -21.93
CA ILE B 158 -2.90 22.76 -21.19
C ILE B 158 -3.07 23.97 -22.11
N ASP B 159 -4.22 24.63 -22.00
CA ASP B 159 -4.43 25.91 -22.68
C ASP B 159 -3.77 27.00 -21.84
N ILE B 160 -2.69 27.56 -22.36
CA ILE B 160 -1.94 28.55 -21.61
C ILE B 160 -2.78 29.79 -21.34
N LYS B 161 -3.73 30.10 -22.23
CA LYS B 161 -4.56 31.28 -22.04
C LYS B 161 -5.49 31.09 -20.85
N LYS B 162 -5.99 29.87 -20.67
CA LYS B 162 -6.84 29.57 -19.52
C LYS B 162 -6.05 29.66 -18.23
N LEU B 163 -4.78 29.27 -18.28
CA LEU B 163 -3.92 29.33 -17.11
C LEU B 163 -3.62 30.78 -16.78
N GLU B 164 -3.34 31.58 -17.80
CA GLU B 164 -3.10 33.01 -17.61
C GLU B 164 -4.34 33.68 -17.01
N LYS B 165 -5.51 33.33 -17.54
CA LYS B 165 -6.78 33.86 -17.03
C LYS B 165 -6.96 33.54 -15.55
N LEU B 166 -6.67 32.29 -15.19
CA LEU B 166 -6.79 31.86 -13.81
C LEU B 166 -5.87 32.66 -12.88
N ILE B 167 -4.62 32.83 -13.28
CA ILE B 167 -3.66 33.54 -12.44
C ILE B 167 -4.13 34.98 -12.20
N ALA B 168 -4.60 35.62 -13.26
CA ALA B 168 -5.07 37.01 -13.17
C ALA B 168 -6.32 37.11 -12.27
N GLU B 169 -7.26 36.19 -12.44
CA GLU B 169 -8.51 36.24 -11.70
C GLU B 169 -8.40 35.83 -10.24
N LYS B 170 -7.52 34.86 -9.95
CA LYS B 170 -7.45 34.30 -8.61
C LYS B 170 -6.20 34.73 -7.85
N GLY B 171 -5.18 35.15 -8.58
CA GLY B 171 -3.91 35.50 -7.96
C GLY B 171 -3.04 34.27 -7.76
N ALA B 172 -1.75 34.44 -8.05
CA ALA B 172 -0.79 33.34 -7.97
C ALA B 172 -0.76 32.69 -6.58
N GLU B 173 -0.80 33.51 -5.53
CA GLU B 173 -0.66 33.01 -4.18
C GLU B 173 -1.83 32.11 -3.75
N ASN B 174 -2.91 32.13 -4.52
CA ASN B 174 -4.09 31.32 -4.22
C ASN B 174 -4.13 30.01 -5.00
N ILE B 175 -3.11 29.80 -5.83
CA ILE B 175 -2.98 28.58 -6.62
C ILE B 175 -1.95 27.67 -5.93
N ALA B 176 -2.43 26.54 -5.43
CA ALA B 176 -1.57 25.58 -4.73
C ALA B 176 -0.51 25.01 -5.68
N TYR B 177 -0.97 24.44 -6.79
CA TYR B 177 -0.07 24.02 -7.85
C TYR B 177 -0.81 23.70 -9.12
N ILE B 178 -0.05 23.59 -10.20
CA ILE B 178 -0.56 23.07 -11.46
C ILE B 178 -0.33 21.55 -11.46
N CYS B 179 -1.39 20.80 -11.75
CA CYS B 179 -1.30 19.35 -11.85
C CYS B 179 -1.31 18.95 -13.32
N LEU B 180 -0.13 18.65 -13.85
CA LEU B 180 0.02 18.30 -15.26
C LEU B 180 0.10 16.79 -15.41
N ALA B 181 -0.93 16.22 -16.02
CA ALA B 181 -1.02 14.77 -16.19
C ALA B 181 -0.46 14.36 -17.55
N VAL B 182 0.36 13.30 -17.55
CA VAL B 182 0.83 12.69 -18.79
C VAL B 182 0.66 11.16 -18.72
N THR B 183 -0.03 10.53 -19.67
CA THR B 183 -0.92 11.15 -20.63
C THR B 183 -2.21 11.58 -19.94
N VAL B 184 -3.19 12.06 -20.70
CA VAL B 184 -4.46 12.51 -20.14
C VAL B 184 -5.53 11.44 -20.32
N ASN B 185 -5.95 10.86 -19.21
CA ASN B 185 -6.83 9.71 -19.18
C ASN B 185 -8.22 10.01 -19.72
N LEU B 186 -8.82 11.09 -19.21
CA LEU B 186 -10.22 11.39 -19.48
C LEU B 186 -10.47 11.75 -20.93
N ALA B 187 -9.41 12.12 -21.64
CA ALA B 187 -9.49 12.44 -23.07
C ALA B 187 -9.23 11.20 -23.93
N GLY B 188 -9.02 10.05 -23.28
CA GLY B 188 -8.73 8.81 -23.97
C GLY B 188 -7.26 8.41 -23.97
N GLY B 189 -6.44 9.01 -23.10
CA GLY B 189 -5.02 8.72 -23.05
C GLY B 189 -4.21 9.57 -24.01
N GLN B 190 -4.48 10.88 -23.97
CA GLN B 190 -3.89 11.81 -24.94
C GLN B 190 -2.60 12.45 -24.41
N PRO B 191 -1.60 12.57 -25.28
CA PRO B 191 -0.31 13.09 -24.82
C PRO B 191 -0.23 14.62 -24.69
N VAL B 192 0.84 15.05 -24.04
CA VAL B 192 1.17 16.45 -23.82
C VAL B 192 2.54 16.70 -24.45
N SER B 193 2.68 17.80 -25.19
CA SER B 193 3.94 18.08 -25.88
C SER B 193 4.99 18.67 -24.94
N MET B 194 6.26 18.51 -25.32
CA MET B 194 7.34 19.16 -24.58
C MET B 194 7.16 20.67 -24.63
N ALA B 195 6.72 21.17 -25.78
CA ALA B 195 6.51 22.60 -25.96
C ALA B 195 5.51 23.11 -24.93
N ASN B 196 4.46 22.33 -24.70
CA ASN B 196 3.45 22.71 -23.71
C ASN B 196 4.03 22.71 -22.28
N MET B 197 4.80 21.69 -21.94
CA MET B 197 5.43 21.62 -20.62
C MET B 197 6.36 22.82 -20.37
N ARG B 198 7.12 23.20 -21.39
CA ARG B 198 7.97 24.39 -21.35
C ARG B 198 7.19 25.68 -21.11
N GLU B 199 6.09 25.83 -21.84
CA GLU B 199 5.27 27.04 -21.74
C GLU B 199 4.60 27.17 -20.38
N VAL B 200 4.09 26.05 -19.86
CA VAL B 200 3.54 26.02 -18.52
C VAL B 200 4.63 26.37 -17.50
N ARG B 201 5.83 25.82 -17.68
CA ARG B 201 6.94 26.07 -16.75
C ARG B 201 7.30 27.55 -16.74
N GLN B 202 7.45 28.11 -17.93
CA GLN B 202 7.83 29.52 -18.07
C GLN B 202 6.82 30.44 -17.40
N LEU B 203 5.53 30.20 -17.64
CA LEU B 203 4.49 31.02 -17.05
C LEU B 203 4.43 30.85 -15.54
N CYS B 204 4.55 29.62 -15.05
CA CYS B 204 4.52 29.38 -13.62
C CYS B 204 5.74 29.96 -12.90
N ASP B 205 6.90 29.88 -13.55
CA ASP B 205 8.12 30.47 -12.99
C ASP B 205 7.96 31.98 -12.78
N LYS B 206 7.30 32.64 -13.73
CA LYS B 206 7.01 34.07 -13.63
C LYS B 206 6.29 34.42 -12.33
N HIS B 207 5.43 33.51 -11.89
CA HIS B 207 4.52 33.79 -10.78
C HIS B 207 4.81 33.00 -9.51
N GLY B 208 5.88 32.20 -9.52
CA GLY B 208 6.27 31.42 -8.35
C GLY B 208 5.34 30.26 -8.05
N ILE B 209 4.67 29.75 -9.07
CA ILE B 209 3.72 28.65 -8.93
C ILE B 209 4.41 27.31 -9.16
N LYS B 210 4.09 26.31 -8.34
CA LYS B 210 4.68 24.99 -8.49
C LYS B 210 3.90 24.13 -9.46
N VAL B 211 4.63 23.25 -10.16
CA VAL B 211 4.04 22.30 -11.10
C VAL B 211 4.41 20.89 -10.66
N PHE B 212 3.40 20.04 -10.50
CA PHE B 212 3.61 18.64 -10.15
C PHE B 212 2.93 17.75 -11.18
N TYR B 213 3.68 16.79 -11.70
CA TYR B 213 3.14 15.93 -12.74
C TYR B 213 2.41 14.74 -12.14
N ASP B 214 1.25 14.43 -12.70
CA ASP B 214 0.60 13.14 -12.47
C ASP B 214 1.13 12.26 -13.59
N ALA B 215 2.19 11.51 -13.31
CA ALA B 215 3.07 10.99 -14.35
C ALA B 215 2.87 9.52 -14.74
N THR B 216 1.68 8.95 -14.50
CA THR B 216 1.52 7.50 -14.56
C THR B 216 1.81 6.88 -15.93
N ARG B 217 1.59 7.61 -17.01
CA ARG B 217 1.88 7.07 -18.34
C ARG B 217 2.87 7.97 -19.09
N CYS B 218 3.91 8.39 -18.37
CA CYS B 218 4.89 9.33 -18.91
C CYS B 218 5.72 8.72 -20.03
N VAL B 219 5.89 7.41 -20.02
CA VAL B 219 6.71 6.78 -21.05
C VAL B 219 5.90 6.69 -22.35
N GLU B 220 4.62 6.33 -22.25
CA GLU B 220 3.73 6.42 -23.40
C GLU B 220 3.75 7.85 -23.94
N ASN B 221 3.73 8.83 -23.05
CA ASN B 221 3.76 10.23 -23.47
C ASN B 221 5.05 10.55 -24.22
N ALA B 222 6.18 10.09 -23.68
CA ALA B 222 7.48 10.29 -24.33
C ALA B 222 7.49 9.69 -25.73
N TYR B 223 6.85 8.53 -25.92
CA TYR B 223 6.80 7.93 -27.25
C TYR B 223 6.05 8.85 -28.24
N PHE B 224 4.91 9.40 -27.81
CA PHE B 224 4.17 10.29 -28.70
C PHE B 224 4.98 11.54 -29.06
N ILE B 225 5.79 12.02 -28.11
CA ILE B 225 6.66 13.17 -28.37
C ILE B 225 7.69 12.77 -29.41
N LYS B 226 8.30 11.61 -29.22
CA LYS B 226 9.30 11.12 -30.15
C LYS B 226 8.72 10.91 -31.54
N GLU B 227 7.50 10.39 -31.58
CA GLU B 227 6.88 10.08 -32.86
C GLU B 227 6.30 11.29 -33.58
N GLN B 228 5.80 12.27 -32.82
CA GLN B 228 4.93 13.30 -33.39
C GLN B 228 5.30 14.76 -33.13
N GLU B 229 6.22 15.04 -32.21
CA GLU B 229 6.62 16.41 -31.93
C GLU B 229 7.84 16.77 -32.77
N GLU B 230 7.70 17.82 -33.56
CA GLU B 230 8.74 18.22 -34.49
C GLU B 230 10.05 18.45 -33.74
N GLY B 231 11.12 17.81 -34.21
CA GLY B 231 12.43 17.99 -33.63
C GLY B 231 12.90 16.84 -32.76
N PHE B 232 12.00 15.94 -32.38
CA PHE B 232 12.32 14.93 -31.38
C PHE B 232 12.49 13.54 -31.96
N GLU B 233 12.47 13.43 -33.29
CA GLU B 233 12.42 12.11 -33.91
C GLU B 233 13.67 11.27 -33.60
N ASP B 234 14.82 11.92 -33.42
CA ASP B 234 16.08 11.21 -33.17
C ASP B 234 16.57 11.37 -31.73
N VAL B 235 15.67 11.76 -30.84
CA VAL B 235 15.98 11.86 -29.41
C VAL B 235 15.49 10.58 -28.75
N SER B 236 16.27 10.02 -27.84
CA SER B 236 15.91 8.77 -27.19
C SER B 236 14.73 8.97 -26.23
N ILE B 237 13.97 7.90 -26.01
CA ILE B 237 12.92 7.91 -25.03
C ILE B 237 13.46 8.37 -23.68
N LYS B 238 14.61 7.84 -23.30
CA LYS B 238 15.22 8.17 -22.00
C LYS B 238 15.48 9.67 -21.86
N ASP B 239 16.03 10.27 -22.91
CA ASP B 239 16.31 11.71 -22.89
C ASP B 239 15.02 12.55 -22.93
N ILE B 240 13.99 12.05 -23.60
CA ILE B 240 12.70 12.76 -23.61
C ILE B 240 12.08 12.73 -22.21
N VAL B 241 12.04 11.56 -21.59
CA VAL B 241 11.52 11.44 -20.24
C VAL B 241 12.27 12.36 -19.27
N HIS B 242 13.59 12.39 -19.34
CA HIS B 242 14.38 13.20 -18.42
C HIS B 242 14.04 14.67 -18.63
N GLU B 243 13.95 15.09 -19.89
CA GLU B 243 13.63 16.49 -20.16
C GLU B 243 12.23 16.86 -19.70
N MET B 244 11.25 15.98 -19.95
CA MET B 244 9.88 16.22 -19.50
C MET B 244 9.86 16.63 -18.04
N PHE B 245 10.50 15.83 -17.19
CA PHE B 245 10.43 16.07 -15.76
C PHE B 245 11.29 17.24 -15.31
N SER B 246 12.19 17.70 -16.18
CA SER B 246 13.02 18.87 -15.85
C SER B 246 12.16 20.12 -15.71
N TYR B 247 10.92 20.07 -16.22
CA TYR B 247 10.00 21.21 -16.15
C TYR B 247 9.00 21.09 -15.01
N ALA B 248 9.24 20.15 -14.12
CA ALA B 248 8.36 19.89 -12.97
C ALA B 248 9.10 20.08 -11.66
N ASP B 249 8.34 20.34 -10.61
CA ASP B 249 8.89 20.45 -9.26
C ASP B 249 8.82 19.11 -8.53
N GLY B 250 8.09 18.16 -9.12
CA GLY B 250 7.91 16.86 -8.52
C GLY B 250 6.87 16.08 -9.31
N CYS B 251 6.55 14.88 -8.84
CA CYS B 251 5.55 14.08 -9.51
C CYS B 251 4.99 13.02 -8.60
N THR B 252 3.80 12.55 -8.95
CA THR B 252 3.25 11.34 -8.37
C THR B 252 3.30 10.29 -9.47
N MET B 253 3.76 9.09 -9.14
CA MET B 253 3.91 8.04 -10.14
C MET B 253 3.19 6.78 -9.71
N SER B 254 2.51 6.16 -10.65
CA SER B 254 2.00 4.81 -10.47
C SER B 254 2.89 3.86 -11.24
N GLY B 255 3.62 3.04 -10.51
CA GLY B 255 4.45 2.03 -11.15
C GLY B 255 3.59 1.00 -11.86
N LYS B 256 2.38 0.81 -11.35
CA LYS B 256 1.39 -0.12 -11.92
C LYS B 256 1.06 0.19 -13.37
N1 LLP B 257 -3.80 9.38 -12.11
C2 LLP B 257 -3.86 8.82 -13.31
C2' LLP B 257 -3.92 9.73 -14.59
C3 LLP B 257 -3.89 7.40 -13.43
O3 LLP B 257 -3.97 6.81 -14.70
C4 LLP B 257 -3.83 6.60 -12.30
C4' LLP B 257 -3.86 5.00 -12.46
C5 LLP B 257 -3.77 7.18 -11.07
C6 LLP B 257 -3.75 8.57 -10.96
C5' LLP B 257 -3.73 6.37 -9.73
OP4 LLP B 257 -2.63 5.49 -9.67
P LLP B 257 -2.79 4.17 -8.87
OP1 LLP B 257 -1.42 3.48 -8.87
OP2 LLP B 257 -3.84 3.35 -9.53
OP3 LLP B 257 -3.18 4.48 -7.46
N LLP B 257 1.38 1.40 -13.83
CA LLP B 257 1.17 1.76 -15.24
CB LLP B 257 0.54 3.14 -15.36
CG LLP B 257 -0.99 3.03 -15.25
CD LLP B 257 -1.45 2.99 -13.79
CE LLP B 257 -2.98 3.19 -13.73
NZ LLP B 257 -3.33 4.62 -13.73
C LLP B 257 2.50 1.61 -15.94
O LLP B 257 2.89 0.49 -16.21
H2'1 LLP B 257 -3.09 9.64 -15.08
H2'2 LLP B 257 -4.04 10.65 -14.32
H2'3 LLP B 257 -4.67 9.45 -15.14
HO3 LLP B 257 -4.76 6.52 -14.83
H4'1 LLP B 257 -4.78 4.69 -12.41
H6 LLP B 257 -3.70 8.96 -10.13
H5'1 LLP B 257 -4.54 5.86 -9.65
H5'2 LLP B 257 -3.66 7.00 -8.98
HA LLP B 257 0.56 1.12 -15.65
HB2 LLP B 257 0.79 3.53 -16.21
HB3 LLP B 257 0.87 3.70 -14.64
HG2 LLP B 257 -1.29 2.23 -15.71
HG3 LLP B 257 -1.39 3.81 -15.69
HD2 LLP B 257 -1.01 3.70 -13.30
HD3 LLP B 257 -1.21 2.13 -13.41
HE2 LLP B 257 -3.32 2.77 -12.92
HE3 LLP B 257 -3.38 2.77 -14.50
N ASP B 258 3.21 2.70 -16.20
CA ASP B 258 4.38 2.58 -17.09
C ASP B 258 5.68 2.01 -16.50
N CYS B 259 5.73 1.63 -15.22
CA CYS B 259 6.92 0.95 -14.68
C CYS B 259 6.82 -0.58 -14.77
N LEU B 260 5.80 -1.08 -15.47
CA LEU B 260 5.72 -2.49 -15.83
C LEU B 260 5.70 -3.42 -14.60
N VAL B 261 4.95 -3.03 -13.58
CA VAL B 261 4.81 -3.84 -12.38
C VAL B 261 3.34 -4.02 -12.01
N ASN B 262 3.11 -4.86 -11.01
CA ASN B 262 1.77 -5.22 -10.58
C ASN B 262 1.33 -4.44 -9.33
N ILE B 263 2.27 -3.74 -8.72
CA ILE B 263 2.01 -2.91 -7.54
C ILE B 263 3.19 -1.95 -7.42
N GLY B 264 3.00 -0.82 -6.78
CA GLY B 264 4.09 0.14 -6.59
C GLY B 264 3.83 1.52 -7.13
N GLY B 265 4.45 2.50 -6.47
CA GLY B 265 4.36 3.89 -6.88
C GLY B 265 5.38 4.70 -6.13
N PHE B 266 5.44 6.00 -6.39
CA PHE B 266 6.28 6.86 -5.59
C PHE B 266 5.96 8.34 -5.77
N LEU B 267 6.47 9.13 -4.86
CA LEU B 267 6.38 10.59 -4.88
C LEU B 267 7.78 11.14 -5.05
N CYS B 268 7.99 11.99 -6.06
CA CYS B 268 9.24 12.72 -6.21
C CYS B 268 9.07 14.21 -5.97
N MET B 269 10.15 14.83 -5.52
CA MET B 269 10.17 16.27 -5.32
C MET B 269 11.61 16.75 -5.29
N ASN B 270 11.80 18.02 -5.63
CA ASN B 270 13.12 18.63 -5.59
C ASN B 270 13.36 19.39 -4.28
N ASP B 271 12.29 19.87 -3.66
CA ASP B 271 12.39 20.74 -2.49
C ASP B 271 12.75 19.97 -1.21
N ASP B 272 13.85 20.38 -0.57
CA ASP B 272 14.33 19.72 0.64
C ASP B 272 13.29 19.71 1.76
N ASP B 273 12.66 20.85 1.99
CA ASP B 273 11.72 21.00 3.09
C ASP B 273 10.46 20.15 2.87
N MET B 274 9.99 20.10 1.64
CA MET B 274 8.82 19.28 1.35
C MET B 274 9.17 17.81 1.55
N PHE B 275 10.38 17.43 1.14
CA PHE B 275 10.85 16.06 1.31
C PHE B 275 10.86 15.66 2.79
N SER B 276 11.37 16.54 3.64
CA SER B 276 11.37 16.30 5.08
C SER B 276 9.96 16.10 5.60
N ALA B 277 9.04 16.93 5.16
CA ALA B 277 7.66 16.84 5.61
C ALA B 277 7.00 15.55 5.08
N ALA B 278 7.34 15.17 3.85
CA ALA B 278 6.79 13.97 3.26
C ALA B 278 7.27 12.74 4.00
N ARG B 279 8.52 12.76 4.45
CA ARG B 279 9.08 11.66 5.21
C ARG B 279 8.32 11.39 6.51
N GLU B 280 7.93 12.43 7.23
CA GLU B 280 7.23 12.18 8.49
C GLU B 280 5.76 11.84 8.23
N LEU B 281 5.21 12.33 7.13
CA LEU B 281 3.82 12.02 6.80
C LEU B 281 3.65 10.58 6.28
N VAL B 282 4.61 10.12 5.49
CA VAL B 282 4.48 8.81 4.86
C VAL B 282 4.42 7.71 5.91
N VAL B 283 5.11 7.91 7.03
CA VAL B 283 5.15 6.92 8.11
C VAL B 283 3.76 6.46 8.55
N VAL B 284 2.82 7.38 8.67
CA VAL B 284 1.52 7.01 9.24
C VAL B 284 0.53 6.47 8.21
N TYR B 285 0.75 6.76 6.93
CA TYR B 285 -0.16 6.28 5.87
C TYR B 285 0.35 5.07 5.10
N GLU B 286 1.65 5.01 4.83
CA GLU B 286 2.21 3.99 3.92
C GLU B 286 3.16 3.08 4.66
N GLY B 287 4.15 3.69 5.32
CA GLY B 287 5.18 2.97 6.05
C GLY B 287 6.41 3.86 6.13
N MET B 288 7.50 3.37 6.70
CA MET B 288 8.72 4.16 6.78
C MET B 288 9.17 4.62 5.38
N PRO B 289 9.87 5.77 5.30
CA PRO B 289 10.32 6.30 4.00
C PRO B 289 11.25 5.36 3.24
N SER B 290 11.79 4.36 3.96
CA SER B 290 12.72 3.40 3.39
C SER B 290 12.02 2.19 2.70
N TYR B 291 10.69 2.15 2.69
CA TYR B 291 9.99 1.11 1.91
C TYR B 291 8.58 1.55 1.50
N GLY B 292 8.00 2.50 2.22
CA GLY B 292 6.77 3.18 1.77
C GLY B 292 5.59 2.28 1.43
N GLY B 293 5.40 1.20 2.17
CA GLY B 293 4.26 0.33 1.96
C GLY B 293 4.47 -0.70 0.86
N LEU B 294 5.74 -0.93 0.48
CA LEU B 294 6.11 -1.92 -0.51
C LEU B 294 7.09 -2.93 0.07
N ALA B 295 6.95 -4.20 -0.32
CA ALA B 295 7.99 -5.19 -0.08
C ALA B 295 9.26 -4.78 -0.82
N GLY B 296 10.41 -5.19 -0.28
CA GLY B 296 11.68 -4.93 -0.93
C GLY B 296 11.68 -5.40 -2.37
N ARG B 297 11.18 -6.62 -2.59
CA ARG B 297 11.18 -7.20 -3.92
C ARG B 297 10.40 -6.36 -4.92
N ASP B 298 9.39 -5.63 -4.46
CA ASP B 298 8.60 -4.79 -5.36
C ASP B 298 9.27 -3.46 -5.66
N MET B 299 10.02 -2.92 -4.71
CA MET B 299 10.87 -1.77 -5.06
C MET B 299 11.87 -2.19 -6.14
N GLU B 300 12.40 -3.39 -6.01
CA GLU B 300 13.36 -3.90 -6.99
C GLU B 300 12.73 -4.07 -8.37
N ALA B 301 11.55 -4.68 -8.42
CA ALA B 301 10.88 -4.94 -9.69
C ALA B 301 10.50 -3.62 -10.37
N MET B 302 10.11 -2.64 -9.58
CA MET B 302 9.74 -1.33 -10.11
C MET B 302 10.96 -0.59 -10.64
N ALA B 303 12.07 -0.70 -9.94
CA ALA B 303 13.32 -0.10 -10.41
C ALA B 303 13.76 -0.70 -11.75
N ILE B 304 13.69 -2.02 -11.87
CA ILE B 304 14.05 -2.71 -13.10
C ILE B 304 13.06 -2.38 -14.22
N GLY B 305 11.77 -2.38 -13.87
CA GLY B 305 10.72 -2.14 -14.86
C GLY B 305 10.81 -0.74 -15.46
N LEU B 306 11.08 0.26 -14.62
CA LEU B 306 11.14 1.63 -15.13
C LEU B 306 12.26 1.75 -16.15
N ARG B 307 13.39 1.10 -15.87
CA ARG B 307 14.50 1.15 -16.81
C ARG B 307 14.16 0.36 -18.09
N GLU B 308 13.42 -0.75 -17.96
CA GLU B 308 12.99 -1.51 -19.13
C GLU B 308 12.06 -0.69 -20.02
N ALA B 309 11.25 0.15 -19.39
CA ALA B 309 10.25 0.92 -20.12
C ALA B 309 10.90 1.93 -21.08
N MET B 310 12.16 2.27 -20.82
CA MET B 310 12.89 3.25 -21.61
C MET B 310 13.30 2.71 -22.99
N GLN B 311 13.20 1.40 -23.19
CA GLN B 311 13.65 0.79 -24.44
C GLN B 311 12.69 1.17 -25.57
N PHE B 312 13.22 1.80 -26.61
CA PHE B 312 12.38 2.31 -27.67
C PHE B 312 11.46 1.24 -28.25
N GLU B 313 12.02 0.09 -28.60
CA GLU B 313 11.24 -0.96 -29.27
C GLU B 313 10.09 -1.44 -28.40
N TYR B 314 10.31 -1.48 -27.08
CA TYR B 314 9.24 -1.89 -26.17
C TYR B 314 8.08 -0.89 -26.23
N ILE B 315 8.35 0.41 -26.07
CA ILE B 315 7.22 1.34 -25.92
C ILE B 315 6.58 1.59 -27.28
N GLU B 316 7.38 1.51 -28.34
CA GLU B 316 6.86 1.60 -29.71
C GLU B 316 5.85 0.47 -29.93
N HIS B 317 6.24 -0.75 -29.59
CA HIS B 317 5.33 -1.88 -29.78
C HIS B 317 4.10 -1.72 -28.89
N ARG B 318 4.29 -1.27 -27.66
CA ARG B 318 3.18 -1.13 -26.71
C ARG B 318 2.10 -0.24 -27.31
N VAL B 319 2.51 0.95 -27.74
CA VAL B 319 1.58 1.94 -28.26
C VAL B 319 1.00 1.51 -29.61
N LYS B 320 1.81 0.88 -30.47
CA LYS B 320 1.31 0.48 -31.78
C LYS B 320 0.34 -0.72 -31.68
N GLN B 321 0.47 -1.53 -30.64
CA GLN B 321 -0.49 -2.61 -30.42
C GLN B 321 -1.89 -2.05 -30.12
N VAL B 322 -1.94 -1.05 -29.24
CA VAL B 322 -3.18 -0.36 -28.91
C VAL B 322 -3.73 0.28 -30.19
N ARG B 323 -2.84 0.92 -30.95
CA ARG B 323 -3.21 1.58 -32.21
C ARG B 323 -3.81 0.60 -33.20
N TYR B 324 -3.23 -0.59 -33.27
CA TYR B 324 -3.70 -1.64 -34.15
C TYR B 324 -5.18 -1.94 -33.88
N LEU B 325 -5.52 -2.11 -32.61
CA LEU B 325 -6.89 -2.40 -32.23
C LEU B 325 -7.82 -1.26 -32.63
N GLY B 326 -7.43 -0.03 -32.30
CA GLY B 326 -8.24 1.13 -32.62
C GLY B 326 -8.43 1.30 -34.12
N GLU B 327 -7.37 1.11 -34.90
CA GLU B 327 -7.45 1.34 -36.34
C GLU B 327 -8.30 0.26 -37.00
N LYS B 328 -8.23 -0.96 -36.49
CA LYS B 328 -9.05 -2.04 -37.03
C LYS B 328 -10.53 -1.76 -36.78
N LEU B 329 -10.84 -1.20 -35.61
CA LEU B 329 -12.23 -0.85 -35.30
C LEU B 329 -12.67 0.34 -36.16
N LYS B 330 -11.80 1.34 -36.26
CA LYS B 330 -12.11 2.55 -37.02
C LYS B 330 -12.39 2.19 -38.48
N ALA B 331 -11.62 1.24 -39.01
CA ALA B 331 -11.75 0.82 -40.40
C ALA B 331 -13.12 0.21 -40.68
N ALA B 332 -13.72 -0.39 -39.66
CA ALA B 332 -15.01 -1.05 -39.80
C ALA B 332 -16.17 -0.10 -39.49
N GLY B 333 -15.84 1.16 -39.17
CA GLY B 333 -16.85 2.16 -38.87
C GLY B 333 -17.32 2.18 -37.43
N VAL B 334 -16.64 1.45 -36.54
CA VAL B 334 -17.03 1.44 -35.14
C VAL B 334 -16.69 2.80 -34.49
N PRO B 335 -17.67 3.41 -33.78
CA PRO B 335 -17.36 4.72 -33.19
C PRO B 335 -16.46 4.61 -31.97
N ILE B 336 -15.31 5.28 -32.03
CA ILE B 336 -14.36 5.28 -30.94
C ILE B 336 -13.90 6.71 -30.65
N VAL B 337 -13.37 6.93 -29.44
CA VAL B 337 -12.71 8.17 -29.11
C VAL B 337 -11.48 8.28 -29.99
N GLU B 338 -11.21 9.48 -30.51
CA GLU B 338 -10.06 9.70 -31.38
C GLU B 338 -9.23 10.89 -30.90
N PRO B 339 -7.93 10.92 -31.21
CA PRO B 339 -7.18 9.79 -31.79
C PRO B 339 -7.00 8.71 -30.74
N VAL B 340 -6.60 7.51 -31.15
CA VAL B 340 -6.38 6.43 -30.19
C VAL B 340 -5.25 6.81 -29.24
N GLY B 341 -5.48 6.62 -27.95
CA GLY B 341 -4.49 6.98 -26.94
C GLY B 341 -3.44 5.90 -26.73
N GLY B 342 -2.64 6.06 -25.69
CA GLY B 342 -1.49 5.20 -25.50
C GLY B 342 -1.80 3.83 -24.92
N HIS B 343 -2.93 3.70 -24.21
CA HIS B 343 -3.13 2.54 -23.32
C HIS B 343 -4.48 1.86 -23.47
N ALA B 344 -5.37 2.43 -24.27
CA ALA B 344 -6.73 1.95 -24.33
C ALA B 344 -7.43 2.47 -25.56
N VAL B 345 -8.46 1.73 -25.95
CA VAL B 345 -9.42 2.18 -26.96
C VAL B 345 -10.76 2.36 -26.24
N PHE B 346 -11.41 3.50 -26.45
CA PHE B 346 -12.73 3.75 -25.89
C PHE B 346 -13.82 3.65 -26.94
N LEU B 347 -14.73 2.70 -26.76
CA LEU B 347 -15.91 2.62 -27.62
C LEU B 347 -16.98 3.62 -27.15
N ASP B 348 -17.61 4.31 -28.09
CA ASP B 348 -18.72 5.20 -27.76
C ASP B 348 -19.99 4.35 -27.83
N ALA B 349 -20.46 3.90 -26.68
CA ALA B 349 -21.57 2.96 -26.64
C ALA B 349 -22.87 3.65 -27.00
N ARG B 350 -22.95 4.95 -26.74
CA ARG B 350 -24.12 5.73 -27.14
C ARG B 350 -24.32 5.65 -28.65
N ARG B 351 -23.25 5.81 -29.41
CA ARG B 351 -23.35 5.80 -30.87
C ARG B 351 -23.32 4.39 -31.44
N PHE B 352 -22.76 3.44 -30.69
CA PHE B 352 -22.77 2.03 -31.06
C PHE B 352 -24.19 1.47 -31.02
N CYS B 353 -24.99 1.97 -30.09
CA CYS B 353 -26.36 1.50 -29.88
C CYS B 353 -27.38 2.64 -30.00
N PRO B 354 -27.53 3.19 -31.22
CA PRO B 354 -28.38 4.38 -31.41
C PRO B 354 -29.85 4.11 -31.12
N HIS B 355 -30.23 2.84 -31.15
CA HIS B 355 -31.59 2.40 -30.85
C HIS B 355 -31.90 2.40 -29.36
N LEU B 356 -30.89 2.54 -28.51
CA LEU B 356 -31.09 2.57 -27.06
C LEU B 356 -30.97 3.99 -26.52
N THR B 357 -31.57 4.22 -25.36
CA THR B 357 -31.33 5.45 -24.60
C THR B 357 -30.26 5.16 -23.55
N GLN B 358 -29.64 6.21 -23.01
CA GLN B 358 -28.62 6.01 -21.99
C GLN B 358 -29.23 5.39 -20.75
N ASP B 359 -30.53 5.60 -20.53
CA ASP B 359 -31.17 5.06 -19.34
C ASP B 359 -31.39 3.54 -19.47
N GLU B 360 -31.09 2.99 -20.63
CA GLU B 360 -31.08 1.54 -20.83
C GLU B 360 -29.65 0.99 -20.77
N PHE B 361 -28.70 1.84 -20.38
CA PHE B 361 -27.33 1.42 -20.07
C PHE B 361 -26.60 0.75 -21.24
N PRO B 362 -26.46 1.46 -22.36
CA PRO B 362 -25.83 0.86 -23.54
C PRO B 362 -24.36 0.46 -23.31
N ALA B 363 -23.58 1.25 -22.56
CA ALA B 363 -22.20 0.85 -22.28
C ALA B 363 -22.16 -0.46 -21.49
N GLN B 364 -22.97 -0.56 -20.43
CA GLN B 364 -23.00 -1.76 -19.61
C GLN B 364 -23.40 -2.96 -20.45
N SER B 365 -24.41 -2.79 -21.30
CA SER B 365 -24.91 -3.89 -22.11
C SER B 365 -23.89 -4.29 -23.19
N LEU B 366 -23.27 -3.32 -23.84
CA LEU B 366 -22.27 -3.62 -24.85
C LEU B 366 -21.08 -4.38 -24.22
N ALA B 367 -20.65 -3.98 -23.03
CA ALA B 367 -19.58 -4.72 -22.33
C ALA B 367 -19.99 -6.17 -22.07
N ALA B 368 -21.24 -6.37 -21.65
CA ALA B 368 -21.73 -7.72 -21.44
C ALA B 368 -21.71 -8.51 -22.76
N SER B 369 -22.18 -7.91 -23.84
CA SER B 369 -22.19 -8.60 -25.13
C SER B 369 -20.79 -8.99 -25.62
N ILE B 370 -19.85 -8.07 -25.45
CA ILE B 370 -18.47 -8.34 -25.85
C ILE B 370 -17.95 -9.56 -25.11
N TYR B 371 -18.21 -9.66 -23.81
CA TYR B 371 -17.74 -10.81 -23.07
C TYR B 371 -18.41 -12.09 -23.56
N MET B 372 -19.73 -12.06 -23.74
CA MET B 372 -20.43 -13.27 -24.15
C MET B 372 -19.98 -13.77 -25.52
N GLU B 373 -19.64 -12.82 -26.39
CA GLU B 373 -19.22 -13.12 -27.74
C GLU B 373 -17.78 -13.68 -27.82
N THR B 374 -16.90 -13.23 -26.93
CA THR B 374 -15.46 -13.48 -27.09
C THR B 374 -14.68 -13.99 -25.86
N GLY B 375 -15.23 -13.79 -24.68
CA GLY B 375 -14.49 -14.03 -23.44
C GLY B 375 -13.61 -12.84 -23.05
N VAL B 376 -13.82 -11.71 -23.71
CA VAL B 376 -13.07 -10.48 -23.44
C VAL B 376 -13.80 -9.62 -22.40
N ARG B 377 -13.11 -9.20 -21.34
CA ARG B 377 -13.71 -8.28 -20.38
C ARG B 377 -13.27 -6.84 -20.64
N SER B 378 -14.25 -5.95 -20.72
CA SER B 378 -14.04 -4.51 -20.83
C SER B 378 -14.74 -3.79 -19.68
N MET B 379 -14.42 -2.52 -19.49
CA MET B 379 -14.97 -1.75 -18.37
C MET B 379 -16.02 -0.73 -18.81
N GLU B 380 -17.18 -0.78 -18.16
CA GLU B 380 -18.17 0.28 -18.32
C GLU B 380 -17.63 1.57 -17.71
N ARG B 381 -17.59 2.61 -18.53
CA ARG B 381 -17.30 3.96 -18.04
C ARG B 381 -18.36 4.90 -18.58
N GLY B 382 -19.54 4.83 -17.97
CA GLY B 382 -20.69 5.58 -18.42
C GLY B 382 -21.64 5.86 -17.28
N ILE B 383 -22.94 5.81 -17.57
CA ILE B 383 -23.95 6.20 -16.62
C ILE B 383 -23.93 5.35 -15.34
N ILE B 384 -23.60 4.08 -15.44
CA ILE B 384 -23.56 3.24 -14.23
C ILE B 384 -22.41 3.68 -13.32
N SER B 385 -21.22 3.82 -13.87
CA SER B 385 -20.06 4.25 -13.09
C SER B 385 -20.24 5.65 -12.53
N ALA B 386 -20.98 6.49 -13.24
CA ALA B 386 -21.20 7.88 -12.83
C ALA B 386 -22.00 7.96 -11.53
N GLY B 387 -22.79 6.92 -11.24
CA GLY B 387 -23.52 6.82 -10.00
C GLY B 387 -24.75 7.71 -9.97
N ARG B 388 -25.42 7.75 -8.82
CA ARG B 388 -26.61 8.58 -8.67
C ARG B 388 -26.32 9.94 -8.08
N ASN B 389 -27.15 10.90 -8.48
CA ASN B 389 -27.16 12.23 -7.89
C ASN B 389 -27.81 12.13 -6.51
N LYS B 390 -27.08 12.57 -5.49
CA LYS B 390 -27.50 12.38 -4.12
C LYS B 390 -28.76 13.17 -3.76
N GLU B 391 -28.86 14.38 -4.29
CA GLU B 391 -30.02 15.23 -4.03
C GLU B 391 -31.27 14.72 -4.75
N THR B 392 -31.21 14.76 -6.08
CA THR B 392 -32.36 14.41 -6.90
C THR B 392 -32.71 12.93 -6.77
N GLY B 393 -31.70 12.10 -6.52
CA GLY B 393 -31.89 10.66 -6.47
C GLY B 393 -31.97 10.04 -7.85
N ASP B 394 -31.73 10.85 -8.87
CA ASP B 394 -31.74 10.39 -10.25
C ASP B 394 -30.30 10.02 -10.68
N HIS B 395 -30.18 9.30 -11.79
CA HIS B 395 -28.86 9.01 -12.37
C HIS B 395 -28.13 10.31 -12.65
N HIS B 396 -26.82 10.30 -12.43
CA HIS B 396 -25.95 11.23 -13.15
C HIS B 396 -25.97 10.74 -14.59
N ARG B 397 -25.93 11.66 -15.53
CA ARG B 397 -25.98 11.30 -16.95
C ARG B 397 -24.77 11.90 -17.66
N PRO B 398 -23.63 11.18 -17.63
CA PRO B 398 -22.39 11.75 -18.16
C PRO B 398 -22.39 11.85 -19.67
N LYS B 399 -21.65 12.80 -20.21
CA LYS B 399 -21.59 12.97 -21.66
C LYS B 399 -20.89 11.77 -22.31
N LEU B 400 -19.87 11.23 -21.65
CA LEU B 400 -19.19 10.05 -22.16
C LEU B 400 -19.87 8.78 -21.68
N GLU B 401 -20.41 8.03 -22.63
CA GLU B 401 -21.00 6.72 -22.36
C GLU B 401 -20.13 5.71 -23.09
N THR B 402 -19.09 5.20 -22.40
CA THR B 402 -18.07 4.44 -23.10
C THR B 402 -17.81 3.05 -22.52
N VAL B 403 -17.30 2.19 -23.39
CA VAL B 403 -16.74 0.91 -23.00
C VAL B 403 -15.23 1.01 -23.24
N ARG B 404 -14.45 0.79 -22.18
CA ARG B 404 -13.01 0.95 -22.25
C ARG B 404 -12.34 -0.39 -22.46
N LEU B 405 -11.63 -0.50 -23.58
CA LEU B 405 -10.77 -1.63 -23.87
C LEU B 405 -9.35 -1.26 -23.45
N THR B 406 -8.97 -1.64 -22.24
CA THR B 406 -7.71 -1.18 -21.63
C THR B 406 -6.64 -2.27 -21.75
N ILE B 407 -5.47 -1.92 -22.30
CA ILE B 407 -4.49 -2.93 -22.70
C ILE B 407 -3.34 -3.02 -21.72
N PRO B 408 -3.25 -4.15 -20.96
CA PRO B 408 -2.07 -4.36 -20.11
C PRO B 408 -0.79 -4.45 -20.95
N ARG B 409 0.35 -4.10 -20.36
CA ARG B 409 1.61 -4.14 -21.08
C ARG B 409 2.20 -5.54 -21.13
N ARG B 410 2.50 -5.98 -22.36
CA ARG B 410 3.25 -7.21 -22.62
C ARG B 410 2.48 -8.49 -22.28
N VAL B 411 1.16 -8.41 -22.21
CA VAL B 411 0.33 -9.55 -21.81
C VAL B 411 -0.32 -10.24 -23.00
N TYR B 412 -0.73 -9.46 -23.99
CA TYR B 412 -1.51 -9.99 -25.12
C TYR B 412 -0.79 -9.79 -26.46
N THR B 413 -1.31 -10.43 -27.50
CA THR B 413 -0.69 -10.41 -28.82
C THR B 413 -1.63 -9.72 -29.82
N TYR B 414 -1.17 -9.54 -31.05
CA TYR B 414 -2.03 -8.99 -32.11
C TYR B 414 -3.20 -9.95 -32.39
N ALA B 415 -3.00 -11.25 -32.16
CA ALA B 415 -4.07 -12.23 -32.39
C ALA B 415 -5.18 -12.03 -31.38
N HIS B 416 -4.82 -11.70 -30.14
CA HIS B 416 -5.80 -11.32 -29.14
C HIS B 416 -6.50 -10.02 -29.54
N MET B 417 -5.74 -9.05 -30.07
CA MET B 417 -6.37 -7.81 -30.53
C MET B 417 -7.36 -8.12 -31.65
N ASP B 418 -6.99 -9.02 -32.56
CA ASP B 418 -7.88 -9.43 -33.65
C ASP B 418 -9.17 -10.07 -33.11
N LEU B 419 -9.03 -10.90 -32.08
CA LEU B 419 -10.18 -11.57 -31.48
C LEU B 419 -11.16 -10.54 -30.92
N VAL B 420 -10.63 -9.56 -30.20
CA VAL B 420 -11.40 -8.46 -29.64
C VAL B 420 -12.10 -7.66 -30.76
N ALA B 421 -11.31 -7.22 -31.73
CA ALA B 421 -11.84 -6.41 -32.82
C ALA B 421 -12.92 -7.17 -33.59
N ASP B 422 -12.65 -8.42 -33.92
CA ASP B 422 -13.57 -9.21 -34.74
C ASP B 422 -14.90 -9.39 -34.03
N GLY B 423 -14.85 -9.61 -32.72
CA GLY B 423 -16.07 -9.80 -31.95
C GLY B 423 -16.88 -8.52 -31.91
N ILE B 424 -16.20 -7.40 -31.67
CA ILE B 424 -16.88 -6.11 -31.60
C ILE B 424 -17.48 -5.72 -32.97
N ILE B 425 -16.76 -6.02 -34.03
CA ILE B 425 -17.22 -5.68 -35.39
C ILE B 425 -18.44 -6.52 -35.76
N LYS B 426 -18.42 -7.80 -35.38
CA LYS B 426 -19.59 -8.67 -35.57
C LYS B 426 -20.81 -8.12 -34.81
N LEU B 427 -20.61 -7.68 -33.58
CA LEU B 427 -21.69 -7.08 -32.79
C LEU B 427 -22.20 -5.81 -33.45
N PHE B 428 -21.27 -5.01 -33.97
CA PHE B 428 -21.61 -3.75 -34.60
C PHE B 428 -22.48 -3.96 -35.84
N LYS B 429 -22.16 -5.00 -36.61
CA LYS B 429 -22.89 -5.26 -37.84
C LYS B 429 -24.34 -5.65 -37.54
N HIS B 430 -24.59 -6.08 -36.30
CA HIS B 430 -25.94 -6.43 -35.84
C HIS B 430 -26.30 -5.64 -34.59
N LYS B 431 -25.83 -4.40 -34.51
CA LYS B 431 -25.96 -3.60 -33.30
C LYS B 431 -27.39 -3.49 -32.79
N GLU B 432 -28.35 -3.48 -33.72
CA GLU B 432 -29.76 -3.31 -33.36
C GLU B 432 -30.28 -4.44 -32.45
N ASP B 433 -29.56 -5.56 -32.42
CA ASP B 433 -29.93 -6.70 -31.60
C ASP B 433 -29.44 -6.62 -30.16
N ILE B 434 -28.66 -5.60 -29.83
CA ILE B 434 -28.20 -5.41 -28.45
C ILE B 434 -29.35 -4.83 -27.62
N LYS B 435 -29.72 -5.53 -26.56
CA LYS B 435 -30.87 -5.14 -25.76
C LYS B 435 -30.45 -4.23 -24.62
N GLY B 436 -31.38 -3.39 -24.18
CA GLY B 436 -31.14 -2.55 -23.02
C GLY B 436 -31.15 -3.36 -21.74
N LEU B 437 -30.57 -2.79 -20.70
CA LEU B 437 -30.52 -3.41 -19.38
C LEU B 437 -31.31 -2.57 -18.39
N LYS B 438 -31.73 -3.20 -17.30
CA LYS B 438 -32.30 -2.51 -16.15
C LYS B 438 -31.73 -3.10 -14.88
N PHE B 439 -31.70 -2.31 -13.82
CA PHE B 439 -31.28 -2.79 -12.51
C PHE B 439 -32.20 -3.87 -11.97
N VAL B 440 -31.63 -4.92 -11.39
CA VAL B 440 -32.39 -5.81 -10.51
C VAL B 440 -31.79 -5.73 -9.10
N TYR B 441 -30.55 -5.27 -9.00
CA TYR B 441 -29.97 -4.94 -7.69
C TYR B 441 -29.04 -3.75 -7.82
N GLU B 442 -29.29 -2.72 -7.02
CA GLU B 442 -28.46 -1.54 -7.01
C GLU B 442 -27.96 -1.22 -5.61
N PRO B 443 -26.63 -1.23 -5.40
CA PRO B 443 -26.07 -0.80 -4.11
C PRO B 443 -26.22 0.71 -3.93
N LYS B 444 -26.21 1.18 -2.70
CA LYS B 444 -26.40 2.61 -2.43
C LYS B 444 -25.15 3.42 -2.80
N GLN B 445 -24.00 2.76 -2.92
CA GLN B 445 -22.81 3.44 -3.41
C GLN B 445 -21.85 2.47 -4.13
N LEU B 446 -20.85 3.04 -4.80
CA LEU B 446 -19.93 2.26 -5.63
C LEU B 446 -20.71 1.27 -6.49
N ARG B 447 -21.79 1.75 -7.11
CA ARG B 447 -22.76 0.83 -7.68
C ARG B 447 -22.20 0.02 -8.85
N PHE B 448 -21.21 0.57 -9.54
CA PHE B 448 -20.65 -0.13 -10.70
C PHE B 448 -19.96 -1.42 -10.27
N PHE B 449 -19.55 -1.48 -9.02
CA PHE B 449 -18.75 -2.59 -8.50
C PHE B 449 -19.57 -3.86 -8.29
N THR B 450 -20.82 -3.73 -7.82
CA THR B 450 -21.64 -4.89 -7.45
C THR B 450 -23.09 -4.87 -7.95
N ALA B 451 -23.45 -3.87 -8.76
CA ALA B 451 -24.81 -3.82 -9.31
C ALA B 451 -25.09 -5.02 -10.22
N ARG B 452 -26.35 -5.44 -10.26
CA ARG B 452 -26.79 -6.53 -11.14
C ARG B 452 -27.95 -6.06 -12.00
N PHE B 453 -28.01 -6.60 -13.21
CA PHE B 453 -28.95 -6.15 -14.22
C PHE B 453 -29.66 -7.35 -14.84
N ASP B 454 -30.76 -7.08 -15.55
CA ASP B 454 -31.29 -8.03 -16.51
C ASP B 454 -31.83 -7.22 -17.68
N TYR B 455 -32.14 -7.92 -18.76
CA TYR B 455 -32.54 -7.27 -19.99
C TYR B 455 -33.95 -6.72 -19.96
N VAL B 456 -34.14 -5.62 -20.67
CA VAL B 456 -35.46 -5.08 -20.91
C VAL B 456 -36.11 -5.86 -22.04
N HIS B 457 -37.36 -6.26 -21.87
CA HIS B 457 -38.14 -6.91 -22.92
C HIS B 457 -39.43 -6.14 -23.13
N HIS B 458 -39.93 -6.15 -24.37
CA HIS B 458 -41.16 -5.44 -24.72
C HIS B 458 -42.22 -6.40 -25.28
C2 34D C . -11.16 4.49 -11.57
C3 34D C . -11.24 4.78 -10.21
O3 34D C . -11.97 5.90 -9.78
C4 34D C . -10.60 3.97 -9.29
C5 34D C . -9.88 2.87 -9.72
C1 34D C . -10.44 3.38 -11.99
C6 34D C . -9.80 2.57 -11.07
C 34D C . -10.34 3.06 -13.46
O1 34D C . -9.66 2.08 -13.85
O2 34D C . -10.97 3.78 -14.29
O5 34D C . -9.24 2.05 -8.78
H2 34D C . -11.62 5.06 -12.22
H3 34D C . -12.85 5.72 -9.81
H4 34D C . -10.66 4.18 -8.34
H6 34D C . -9.29 1.80 -11.37
H5 34D C . -8.50 2.43 -8.51
C2 34D D . 7.64 1.19 12.98
C3 34D D . 6.97 2.14 12.24
O3 34D D . 6.80 1.98 10.85
C4 34D D . 6.46 3.27 12.86
C5 34D D . 6.62 3.44 14.23
C1 34D D . 7.79 1.37 14.35
C6 34D D . 7.29 2.50 14.98
C 34D D . 8.53 0.32 15.16
O1 34D D . 8.59 0.45 16.41
O2 34D D . 9.07 -0.66 14.57
O5 34D D . 6.10 4.59 14.85
H2 34D D . 8.01 0.39 12.55
H3 34D D . 7.07 2.71 10.44
H4 34D D . 5.99 3.94 12.34
H6 34D D . 7.40 2.60 15.94
H5 34D D . 5.79 4.38 15.66
K K E . 9.23 -6.08 3.93
K K F . -2.11 -6.16 -9.67
#